data_1RER
#
_entry.id   1RER
#
_cell.length_a   198.197
_cell.length_b   198.197
_cell.length_c   116.250
_cell.angle_alpha   90.00
_cell.angle_beta   90.00
_cell.angle_gamma   120.00
#
_symmetry.space_group_name_H-M   'P 31 2 1'
#
loop_
_entity.id
_entity.type
_entity.pdbx_description
1 polymer 'Structural polyprotein'
2 branched 2-acetamido-2-deoxy-beta-D-glucopyranose-(1-2)-beta-D-mannopyranose-(1-3)-beta-D-mannopyranose-(1-4)-2-acetamido-2-deoxy-beta-D-glucopyranose-(1-4)-[beta-L-fucopyranose-(1-6)]2-acetamido-2-deoxy-beta-D-glucopyranose
3 branched 2-acetamido-2-deoxy-beta-D-glucopyranose-(1-2)-alpha-D-mannopyranose-(1-3)-[alpha-D-mannopyranose-(1-6)]beta-D-mannopyranose-(1-4)-2-acetamido-2-deoxy-beta-D-glucopyranose-(1-4)-[alpha-L-fucopyranose-(1-6)]2-acetamido-2-deoxy-beta-D-glucopyranose
4 branched 2-acetamido-2-deoxy-beta-D-glucopyranose-(1-4)-2-acetamido-2-deoxy-beta-D-glucopyranose
5 non-polymer 'BROMIDE ION'
6 non-polymer 'HOLMIUM ATOM'
7 non-polymer 'PHOSPHATE ION'
8 water water
#
_entity_poly.entity_id   1
_entity_poly.type   'polypeptide(L)'
_entity_poly.pdbx_seq_one_letter_code
;YEHSTVMPNVVGFPYKAHIERPGYSPLTLQMQVVETSLEPTLNLEYITCEYKTVVPSPYVKCCGASECSTKEKPDYQCKV
YTGVYPFMWGGAYCFCDSENTQLSEAYVDRSDVCRHDHASAYKAHTASLKAKVRVMYGNVNQTVDVYVNGDHAVTIGGTQ
FIFGPLSSAWTPFDNKIVVYKDEVFNQDFPPYGSGQPGRFGDIQSRTVESNDLYANTALKLARPSPGMVHVPYTQTPSGF
KYWLKEKGTALNTKAPFGCQIKTNPVRAMNCAVGNIPVSMNLPDSAFTRIVEAPTIIDLTCTVATCTHSSDFGGVLTLTY
KTNKNGDCSVHSHSNVATLQEATAKVKTAGKVTLHFSTASASPSFVVSLCSARATCSASCEPPKDHIVPYA
;
_entity_poly.pdbx_strand_id   A,B,C
#
# COMPACT_ATOMS: atom_id res chain seq x y z
N TYR A 1 -40.70 -9.97 16.60
CA TYR A 1 -39.63 -11.03 16.54
C TYR A 1 -38.57 -10.64 15.54
N GLU A 2 -37.33 -10.86 15.94
CA GLU A 2 -36.17 -10.55 15.12
C GLU A 2 -35.14 -11.61 15.36
N HIS A 3 -34.84 -12.38 14.33
CA HIS A 3 -33.83 -13.42 14.43
C HIS A 3 -32.65 -12.95 13.58
N SER A 4 -31.45 -13.02 14.13
CA SER A 4 -30.28 -12.55 13.41
C SER A 4 -29.39 -13.72 12.97
N THR A 5 -28.71 -13.56 11.85
CA THR A 5 -27.85 -14.61 11.34
C THR A 5 -26.75 -13.99 10.53
N VAL A 6 -26.01 -14.82 9.83
CA VAL A 6 -24.94 -14.33 9.02
C VAL A 6 -24.52 -15.41 8.04
N MET A 7 -24.44 -15.04 6.78
CA MET A 7 -24.07 -15.98 5.73
C MET A 7 -22.71 -15.59 5.20
N PRO A 8 -22.01 -16.54 4.63
CA PRO A 8 -20.69 -16.32 4.06
C PRO A 8 -20.75 -15.47 2.79
N ASN A 9 -19.70 -14.68 2.59
CA ASN A 9 -19.61 -13.81 1.43
C ASN A 9 -18.92 -14.51 0.28
N VAL A 10 -19.37 -15.71 -0.03
CA VAL A 10 -18.78 -16.47 -1.13
C VAL A 10 -19.82 -16.84 -2.15
N VAL A 11 -19.54 -16.52 -3.39
CA VAL A 11 -20.48 -16.79 -4.45
C VAL A 11 -20.54 -18.25 -4.70
N GLY A 12 -21.68 -18.84 -4.39
CA GLY A 12 -21.83 -20.28 -4.59
C GLY A 12 -22.36 -20.95 -3.34
N PHE A 13 -21.46 -21.25 -2.39
CA PHE A 13 -21.85 -21.89 -1.14
C PHE A 13 -23.08 -21.13 -0.63
N PRO A 14 -24.25 -21.78 -0.57
CA PRO A 14 -25.49 -21.17 -0.11
C PRO A 14 -25.78 -21.26 1.38
N TYR A 15 -26.88 -20.64 1.78
CA TYR A 15 -27.35 -20.63 3.15
C TYR A 15 -28.71 -21.27 3.00
N LYS A 16 -29.00 -22.31 3.78
CA LYS A 16 -30.30 -22.98 3.66
C LYS A 16 -30.91 -23.23 5.01
N ALA A 17 -31.99 -22.54 5.31
CA ALA A 17 -32.67 -22.72 6.59
C ALA A 17 -34.04 -23.37 6.37
N HIS A 18 -34.52 -24.06 7.39
CA HIS A 18 -35.79 -24.75 7.29
C HIS A 18 -36.74 -24.09 8.26
N ILE A 19 -37.39 -23.01 7.83
CA ILE A 19 -38.29 -22.29 8.71
C ILE A 19 -39.61 -22.99 8.94
N GLU A 20 -39.72 -23.64 10.10
CA GLU A 20 -40.93 -24.38 10.50
C GLU A 20 -41.83 -23.58 11.43
N ARG A 21 -42.47 -22.54 10.88
CA ARG A 21 -43.39 -21.67 11.62
C ARG A 21 -44.72 -22.38 11.96
N PRO A 22 -45.01 -22.55 13.26
CA PRO A 22 -46.22 -23.22 13.77
C PRO A 22 -47.55 -22.62 13.26
N GLY A 23 -48.04 -23.21 12.17
CA GLY A 23 -49.28 -22.80 11.53
C GLY A 23 -49.62 -23.91 10.56
N TYR A 24 -48.69 -24.17 9.64
CA TYR A 24 -48.86 -25.22 8.65
C TYR A 24 -47.60 -25.53 7.82
N SER A 25 -47.83 -25.66 6.52
CA SER A 25 -46.79 -25.92 5.54
C SER A 25 -45.50 -25.18 5.90
N PRO A 26 -44.39 -25.93 6.03
CA PRO A 26 -43.04 -25.47 6.37
C PRO A 26 -42.30 -24.80 5.19
N LEU A 27 -41.73 -23.63 5.44
CA LEU A 27 -41.01 -22.86 4.43
C LEU A 27 -39.55 -23.23 4.38
N THR A 28 -38.98 -23.15 3.18
CA THR A 28 -37.58 -23.48 2.98
C THR A 28 -36.85 -22.27 2.45
N LEU A 29 -36.31 -21.47 3.35
CA LEU A 29 -35.58 -20.27 2.97
C LEU A 29 -34.19 -20.61 2.46
N GLN A 30 -33.73 -19.90 1.45
CA GLN A 30 -32.42 -20.17 0.91
C GLN A 30 -31.91 -18.94 0.17
N MET A 31 -30.86 -18.33 0.70
CA MET A 31 -30.26 -17.13 0.12
C MET A 31 -28.79 -17.34 -0.09
N GLN A 32 -28.30 -16.98 -1.25
CA GLN A 32 -26.89 -17.13 -1.53
C GLN A 32 -26.40 -15.97 -2.39
N VAL A 33 -25.12 -15.67 -2.27
CA VAL A 33 -24.54 -14.57 -3.01
C VAL A 33 -24.33 -15.03 -4.42
N VAL A 34 -24.50 -14.12 -5.38
CA VAL A 34 -24.29 -14.48 -6.78
C VAL A 34 -23.26 -13.62 -7.49
N GLU A 35 -22.83 -12.53 -6.85
CA GLU A 35 -21.88 -11.60 -7.46
C GLU A 35 -21.28 -10.67 -6.42
N THR A 36 -20.16 -10.05 -6.75
CA THR A 36 -19.54 -9.15 -5.80
C THR A 36 -18.72 -8.19 -6.59
N SER A 37 -19.00 -6.90 -6.43
CA SER A 37 -18.29 -5.87 -7.19
C SER A 37 -17.60 -4.84 -6.31
N LEU A 38 -16.28 -4.81 -6.39
CA LEU A 38 -15.49 -3.87 -5.63
C LEU A 38 -14.79 -2.94 -6.60
N GLU A 39 -15.32 -1.73 -6.78
CA GLU A 39 -14.70 -0.80 -7.69
C GLU A 39 -13.85 0.23 -6.97
N PRO A 40 -12.64 0.48 -7.45
CA PRO A 40 -11.78 1.46 -6.80
C PRO A 40 -11.95 2.84 -7.43
N THR A 41 -11.32 3.86 -6.85
CA THR A 41 -11.44 5.20 -7.40
C THR A 41 -10.14 5.55 -8.11
N LEU A 42 -10.03 5.14 -9.36
CA LEU A 42 -8.81 5.44 -10.10
C LEU A 42 -8.58 6.94 -10.25
N ASN A 43 -7.38 7.37 -9.93
CA ASN A 43 -7.03 8.78 -10.09
C ASN A 43 -5.83 8.81 -11.04
N LEU A 44 -6.14 8.84 -12.33
CA LEU A 44 -5.11 8.83 -13.37
C LEU A 44 -3.92 9.70 -13.02
N GLU A 45 -2.75 9.10 -12.90
CA GLU A 45 -1.58 9.90 -12.59
C GLU A 45 -0.91 10.30 -13.91
N TYR A 46 -0.69 9.35 -14.80
CA TYR A 46 -0.09 9.67 -16.09
C TYR A 46 -0.08 8.44 -16.98
N ILE A 47 0.18 8.65 -18.26
CA ILE A 47 0.26 7.53 -19.16
C ILE A 47 1.59 7.55 -19.92
N THR A 48 2.06 6.38 -20.33
CA THR A 48 3.31 6.30 -21.05
C THR A 48 3.10 5.41 -22.27
N CYS A 49 4.00 5.52 -23.23
CA CYS A 49 3.96 4.77 -24.49
C CYS A 49 5.24 4.92 -25.29
N GLU A 50 5.38 4.21 -26.39
CA GLU A 50 6.58 4.32 -27.21
C GLU A 50 6.84 5.77 -27.56
N TYR A 51 8.09 6.19 -27.46
CA TYR A 51 8.40 7.58 -27.78
C TYR A 51 8.85 7.70 -29.20
N LYS A 52 8.96 8.94 -29.67
CA LYS A 52 9.39 9.26 -31.03
C LYS A 52 10.44 10.37 -30.94
N THR A 53 11.61 10.15 -31.50
CA THR A 53 12.67 11.16 -31.46
C THR A 53 12.39 12.18 -32.55
N VAL A 54 12.65 13.46 -32.27
CA VAL A 54 12.40 14.50 -33.27
C VAL A 54 13.60 15.42 -33.41
N VAL A 55 14.21 15.42 -34.59
CA VAL A 55 15.35 16.28 -34.79
C VAL A 55 15.08 17.13 -36.01
N PRO A 56 15.01 18.45 -35.84
CA PRO A 56 14.76 19.31 -37.00
C PRO A 56 15.99 19.42 -37.91
N SER A 57 15.83 20.21 -38.96
CA SER A 57 16.92 20.42 -39.90
C SER A 57 18.04 21.17 -39.16
N PRO A 58 19.29 20.76 -39.42
CA PRO A 58 20.47 21.37 -38.78
C PRO A 58 20.82 22.76 -39.34
N TYR A 59 21.48 23.58 -38.50
CA TYR A 59 21.91 24.93 -38.89
C TYR A 59 23.40 24.99 -39.29
N VAL A 60 23.62 24.97 -40.61
CA VAL A 60 24.97 25.03 -41.19
C VAL A 60 25.45 26.46 -41.00
N LYS A 61 26.55 26.62 -40.25
CA LYS A 61 27.04 27.97 -39.98
C LYS A 61 28.53 28.07 -40.29
N CYS A 62 28.99 29.30 -40.41
CA CYS A 62 30.40 29.58 -40.67
C CYS A 62 31.22 29.77 -39.39
N CYS A 63 32.32 30.52 -39.46
CA CYS A 63 33.15 30.75 -38.25
C CYS A 63 32.44 31.81 -37.38
N GLY A 64 31.35 32.36 -37.94
CA GLY A 64 30.52 33.36 -37.27
C GLY A 64 29.60 32.64 -36.27
N ALA A 65 30.21 31.60 -35.69
CA ALA A 65 29.62 30.70 -34.71
C ALA A 65 28.48 31.27 -33.85
N SER A 66 27.44 30.45 -33.70
CA SER A 66 26.30 30.83 -32.92
C SER A 66 26.29 29.98 -31.64
N GLU A 67 25.45 30.36 -30.68
CA GLU A 67 25.29 29.63 -29.42
C GLU A 67 23.81 29.45 -29.13
N CYS A 68 23.48 28.18 -28.91
CA CYS A 68 22.11 27.77 -28.65
C CYS A 68 21.74 27.93 -27.21
N SER A 69 20.60 28.58 -27.02
CA SER A 69 20.04 28.82 -25.70
C SER A 69 19.45 27.51 -25.14
N THR A 70 18.18 27.57 -24.76
CA THR A 70 17.46 26.42 -24.20
C THR A 70 15.97 26.70 -24.23
N LYS A 71 15.26 25.90 -25.02
CA LYS A 71 13.83 26.04 -25.16
C LYS A 71 13.11 25.06 -24.19
N GLU A 72 11.79 24.99 -24.31
CA GLU A 72 11.00 24.13 -23.45
C GLU A 72 10.49 22.93 -24.22
N LYS A 73 11.35 21.94 -24.41
CA LYS A 73 10.95 20.75 -25.12
C LYS A 73 11.37 19.49 -24.38
N PRO A 74 10.51 18.46 -24.43
CA PRO A 74 10.79 17.20 -23.75
C PRO A 74 12.23 16.70 -23.95
N ASP A 75 13.01 16.63 -22.88
CA ASP A 75 14.37 16.14 -22.98
C ASP A 75 15.15 16.91 -24.01
N TYR A 76 14.69 18.13 -24.32
CA TYR A 76 15.33 18.99 -25.31
C TYR A 76 16.83 19.14 -25.14
N GLN A 77 17.55 19.06 -26.27
CA GLN A 77 19.00 19.16 -26.29
C GLN A 77 19.44 20.08 -27.43
N CYS A 78 20.71 20.48 -27.41
CA CYS A 78 21.34 21.31 -28.44
C CYS A 78 22.81 21.52 -28.07
N LYS A 79 23.67 21.45 -29.09
CA LYS A 79 25.11 21.62 -28.90
C LYS A 79 25.77 22.26 -30.10
N VAL A 80 26.53 23.32 -29.84
CA VAL A 80 27.23 24.05 -30.90
C VAL A 80 28.56 23.36 -31.19
N TYR A 81 28.65 22.75 -32.37
CA TYR A 81 29.88 22.04 -32.72
C TYR A 81 30.94 22.89 -33.44
N THR A 82 32.04 23.13 -32.73
CA THR A 82 33.16 23.94 -33.26
C THR A 82 34.19 23.13 -34.08
N GLY A 83 34.36 23.50 -35.34
CA GLY A 83 35.31 22.80 -36.20
C GLY A 83 34.90 21.45 -36.77
N VAL A 84 33.87 21.45 -37.62
CA VAL A 84 33.32 20.24 -38.29
C VAL A 84 33.36 20.22 -39.82
N TYR A 85 33.68 19.03 -40.32
CA TYR A 85 33.84 18.69 -41.75
C TYR A 85 34.17 19.72 -42.82
N PRO A 86 35.28 19.47 -43.51
CA PRO A 86 35.81 20.31 -44.59
C PRO A 86 35.03 20.21 -45.91
N PHE A 87 34.25 21.26 -46.15
CA PHE A 87 33.42 21.50 -47.35
C PHE A 87 33.11 23.02 -47.25
N MET A 88 32.67 23.65 -48.34
CA MET A 88 32.37 25.10 -48.26
C MET A 88 31.73 25.72 -49.51
N TRP A 89 31.24 26.95 -49.31
CA TRP A 89 30.61 27.78 -50.35
C TRP A 89 31.59 28.96 -50.67
N GLY A 90 31.74 29.26 -51.98
CA GLY A 90 32.61 30.33 -52.46
C GLY A 90 34.03 29.84 -52.70
N GLY A 91 34.79 29.81 -51.60
CA GLY A 91 36.18 29.35 -51.56
C GLY A 91 36.68 29.35 -50.11
N ALA A 92 36.03 28.59 -49.22
CA ALA A 92 36.37 28.50 -47.77
C ALA A 92 36.50 29.89 -47.11
N TYR A 93 35.41 30.66 -47.15
CA TYR A 93 35.36 32.03 -46.60
C TYR A 93 35.36 32.28 -45.07
N CYS A 94 34.58 31.48 -44.33
CA CYS A 94 34.46 31.62 -42.86
C CYS A 94 35.74 32.25 -42.26
N PHE A 95 36.81 31.47 -42.12
CA PHE A 95 38.11 31.90 -41.57
C PHE A 95 38.17 31.87 -40.02
N CYS A 96 37.87 33.03 -39.40
CA CYS A 96 37.87 33.25 -37.93
C CYS A 96 37.70 32.02 -37.01
N ASP A 97 38.80 31.27 -36.86
CA ASP A 97 38.85 30.07 -36.02
C ASP A 97 37.67 29.10 -36.22
N SER A 98 37.78 27.94 -35.57
CA SER A 98 36.76 26.89 -35.64
C SER A 98 36.63 26.24 -37.03
N GLU A 99 36.56 27.10 -38.06
CA GLU A 99 36.40 26.75 -39.50
C GLU A 99 34.89 26.60 -39.83
N ASN A 100 34.17 25.89 -38.96
CA ASN A 100 32.73 25.64 -39.05
C ASN A 100 31.99 25.23 -37.74
N THR A 101 31.02 26.07 -37.36
CA THR A 101 30.19 25.76 -36.20
C THR A 101 28.88 25.10 -36.69
N GLN A 102 28.44 24.08 -35.95
CA GLN A 102 27.20 23.32 -36.22
C GLN A 102 26.25 23.38 -35.01
N LEU A 103 25.04 23.84 -35.26
CA LEU A 103 24.01 23.96 -34.23
C LEU A 103 23.04 22.80 -34.36
N SER A 104 23.36 21.70 -33.70
CA SER A 104 22.53 20.52 -33.73
C SER A 104 21.61 20.51 -32.51
N GLU A 105 20.39 20.04 -32.71
CA GLU A 105 19.37 19.94 -31.66
C GLU A 105 18.29 18.90 -31.95
N ALA A 106 17.71 18.35 -30.88
CA ALA A 106 16.63 17.35 -30.97
C ALA A 106 15.92 17.13 -29.62
N TYR A 107 14.61 16.92 -29.70
CA TYR A 107 13.83 16.71 -28.53
C TYR A 107 12.93 15.48 -28.66
N VAL A 108 11.97 15.34 -27.76
CA VAL A 108 11.10 14.18 -27.82
C VAL A 108 9.61 14.47 -27.76
N ASP A 109 8.84 13.55 -28.33
CA ASP A 109 7.39 13.63 -28.33
C ASP A 109 6.90 12.23 -28.45
N ARG A 110 5.79 11.93 -27.79
CA ARG A 110 5.23 10.60 -27.80
C ARG A 110 4.84 10.10 -29.18
N SER A 111 5.25 8.87 -29.47
CA SER A 111 4.95 8.25 -30.76
C SER A 111 3.52 8.43 -31.25
N ASP A 112 3.38 8.46 -32.56
CA ASP A 112 2.07 8.63 -33.19
C ASP A 112 1.17 7.42 -32.93
N VAL A 113 1.65 6.45 -32.15
CA VAL A 113 0.84 5.27 -31.89
C VAL A 113 0.28 5.20 -30.48
N CYS A 114 0.63 6.18 -29.64
CA CYS A 114 0.16 6.20 -28.26
C CYS A 114 -1.35 6.07 -28.25
N ARG A 115 -2.01 6.90 -29.05
CA ARG A 115 -3.47 6.89 -29.07
C ARG A 115 -4.07 5.51 -28.91
N HIS A 116 -3.67 4.56 -29.76
CA HIS A 116 -4.25 3.22 -29.67
C HIS A 116 -3.29 2.14 -29.15
N ASP A 117 -2.44 2.52 -28.18
CA ASP A 117 -1.49 1.57 -27.60
C ASP A 117 -0.64 2.26 -26.53
N HIS A 118 -1.21 2.37 -25.34
CA HIS A 118 -0.53 3.03 -24.24
C HIS A 118 -1.04 2.40 -22.95
N ALA A 119 -0.24 2.47 -21.91
CA ALA A 119 -0.63 1.93 -20.64
C ALA A 119 -1.02 3.10 -19.79
N SER A 120 -1.73 2.84 -18.70
CA SER A 120 -2.14 3.89 -17.80
C SER A 120 -1.74 3.58 -16.36
N ALA A 121 -1.32 4.61 -15.65
CA ALA A 121 -0.91 4.47 -14.27
C ALA A 121 -1.88 5.24 -13.38
N TYR A 122 -2.80 4.52 -12.75
CA TYR A 122 -3.77 5.16 -11.87
C TYR A 122 -3.39 4.99 -10.41
N LYS A 123 -4.00 5.80 -9.57
CA LYS A 123 -3.73 5.73 -8.16
C LYS A 123 -5.12 5.35 -7.68
N ALA A 124 -5.32 4.10 -7.28
CA ALA A 124 -6.64 3.63 -6.86
C ALA A 124 -6.84 3.30 -5.40
N HIS A 125 -8.04 3.56 -4.89
CA HIS A 125 -8.39 3.26 -3.50
C HIS A 125 -9.80 2.73 -3.50
N THR A 126 -10.06 1.67 -2.75
CA THR A 126 -11.40 1.14 -2.72
C THR A 126 -12.51 2.20 -2.53
N ALA A 127 -13.43 2.30 -3.47
CA ALA A 127 -14.53 3.29 -3.44
C ALA A 127 -15.85 2.73 -2.91
N SER A 128 -16.18 1.51 -3.31
CA SER A 128 -17.37 0.82 -2.82
C SER A 128 -17.44 -0.62 -3.27
N LEU A 129 -18.08 -1.40 -2.42
CA LEU A 129 -18.22 -2.81 -2.63
C LEU A 129 -19.65 -3.16 -2.34
N LYS A 130 -20.31 -3.76 -3.33
CA LYS A 130 -21.70 -4.19 -3.20
C LYS A 130 -21.81 -5.61 -3.69
N ALA A 131 -22.83 -6.31 -3.22
CA ALA A 131 -23.04 -7.70 -3.62
C ALA A 131 -24.50 -7.96 -3.94
N LYS A 132 -24.73 -8.96 -4.80
CA LYS A 132 -26.07 -9.33 -5.17
C LYS A 132 -26.41 -10.65 -4.52
N VAL A 133 -27.46 -10.63 -3.70
CA VAL A 133 -27.89 -11.82 -2.99
C VAL A 133 -29.27 -12.27 -3.47
N ARG A 134 -29.36 -13.52 -3.90
CA ARG A 134 -30.62 -14.04 -4.39
C ARG A 134 -31.28 -14.84 -3.27
N VAL A 135 -32.36 -14.33 -2.73
CA VAL A 135 -33.03 -15.04 -1.68
C VAL A 135 -34.26 -15.75 -2.21
N MET A 136 -34.37 -17.04 -1.91
CA MET A 136 -35.49 -17.84 -2.36
C MET A 136 -36.32 -18.27 -1.18
N TYR A 137 -37.26 -17.42 -0.84
CA TYR A 137 -38.15 -17.63 0.29
C TYR A 137 -39.36 -18.41 -0.18
N GLY A 138 -39.46 -19.64 0.29
CA GLY A 138 -40.59 -20.45 -0.11
C GLY A 138 -40.79 -20.50 -1.61
N ASN A 139 -41.89 -19.90 -2.06
CA ASN A 139 -42.21 -19.89 -3.49
C ASN A 139 -41.98 -18.53 -4.11
N VAL A 140 -40.99 -17.82 -3.59
CA VAL A 140 -40.66 -16.49 -4.10
C VAL A 140 -39.17 -16.30 -4.21
N ASN A 141 -38.76 -15.69 -5.30
CA ASN A 141 -37.36 -15.44 -5.57
C ASN A 141 -37.12 -13.98 -5.81
N GLN A 142 -36.25 -13.38 -5.01
CA GLN A 142 -35.95 -11.96 -5.17
C GLN A 142 -34.46 -11.69 -4.98
N THR A 143 -33.93 -10.72 -5.69
CA THR A 143 -32.52 -10.37 -5.56
C THR A 143 -32.36 -9.03 -4.88
N VAL A 144 -31.55 -9.04 -3.83
CA VAL A 144 -31.33 -7.83 -3.08
C VAL A 144 -29.90 -7.36 -3.16
N ASP A 145 -29.71 -6.05 -3.10
CA ASP A 145 -28.37 -5.48 -3.15
C ASP A 145 -27.87 -5.22 -1.74
N VAL A 146 -26.62 -5.57 -1.47
CA VAL A 146 -26.07 -5.35 -0.15
C VAL A 146 -24.75 -4.61 -0.25
N TYR A 147 -24.52 -3.64 0.64
CA TYR A 147 -23.27 -2.88 0.60
C TYR A 147 -22.44 -2.93 1.88
N VAL A 148 -21.44 -2.05 1.96
CA VAL A 148 -20.60 -1.96 3.15
C VAL A 148 -20.88 -0.60 3.73
N ASN A 149 -21.15 0.34 2.85
CA ASN A 149 -21.43 1.70 3.23
C ASN A 149 -22.89 1.81 3.58
N GLY A 150 -23.32 1.00 4.53
CA GLY A 150 -24.71 1.02 4.96
C GLY A 150 -25.45 -0.30 4.84
N ASP A 151 -26.54 -0.42 5.57
CA ASP A 151 -27.34 -1.63 5.53
C ASP A 151 -28.40 -1.45 4.46
N HIS A 152 -29.40 -2.32 4.47
CA HIS A 152 -30.47 -2.27 3.50
C HIS A 152 -31.61 -3.14 3.97
N ALA A 153 -32.76 -2.52 4.11
CA ALA A 153 -33.96 -3.20 4.57
C ALA A 153 -34.88 -3.45 3.42
N VAL A 154 -35.41 -4.65 3.35
CA VAL A 154 -36.32 -4.96 2.26
C VAL A 154 -37.37 -5.94 2.72
N THR A 155 -38.55 -5.86 2.12
CA THR A 155 -39.63 -6.77 2.50
C THR A 155 -39.86 -7.78 1.41
N ILE A 156 -39.68 -9.04 1.75
CA ILE A 156 -39.87 -10.10 0.77
C ILE A 156 -40.68 -11.28 1.29
N GLY A 157 -41.78 -11.58 0.61
CA GLY A 157 -42.62 -12.69 1.04
C GLY A 157 -43.47 -12.31 2.23
N GLY A 158 -43.66 -11.01 2.44
CA GLY A 158 -44.45 -10.57 3.57
C GLY A 158 -43.62 -10.61 4.84
N THR A 159 -42.33 -10.85 4.67
CA THR A 159 -41.44 -10.91 5.82
C THR A 159 -40.42 -9.79 5.66
N GLN A 160 -40.01 -9.19 6.77
CA GLN A 160 -39.06 -8.10 6.67
C GLN A 160 -37.64 -8.61 6.80
N PHE A 161 -36.78 -8.19 5.86
CA PHE A 161 -35.37 -8.59 5.87
C PHE A 161 -34.46 -7.38 5.97
N ILE A 162 -33.36 -7.52 6.68
CA ILE A 162 -32.42 -6.42 6.77
C ILE A 162 -31.04 -6.99 6.58
N PHE A 163 -30.41 -6.69 5.44
CA PHE A 163 -29.08 -7.21 5.19
C PHE A 163 -28.01 -6.24 5.66
N GLY A 164 -27.63 -6.35 6.93
CA GLY A 164 -26.63 -5.48 7.53
C GLY A 164 -25.45 -5.29 6.62
N PRO A 165 -24.58 -4.30 6.86
CA PRO A 165 -23.40 -3.99 6.08
C PRO A 165 -22.44 -5.15 5.99
N LEU A 166 -21.84 -5.35 4.82
CA LEU A 166 -20.89 -6.42 4.67
C LEU A 166 -19.76 -6.27 5.69
N SER A 167 -19.37 -7.37 6.33
CA SER A 167 -18.33 -7.32 7.33
C SER A 167 -17.13 -6.45 6.95
N SER A 168 -16.51 -6.73 5.81
CA SER A 168 -15.37 -5.92 5.40
C SER A 168 -15.31 -5.73 3.91
N ALA A 169 -14.32 -4.99 3.43
CA ALA A 169 -14.18 -4.76 2.01
C ALA A 169 -12.72 -4.93 1.60
N TRP A 170 -12.36 -6.17 1.30
CA TRP A 170 -11.02 -6.52 0.88
C TRP A 170 -10.81 -6.21 -0.58
N THR A 171 -9.63 -5.72 -0.90
CA THR A 171 -9.31 -5.36 -2.26
C THR A 171 -7.98 -5.96 -2.68
N PRO A 172 -7.92 -6.52 -3.88
CA PRO A 172 -6.72 -7.13 -4.43
C PRO A 172 -5.87 -6.10 -5.16
N PHE A 173 -6.39 -4.87 -5.23
CA PHE A 173 -5.72 -3.76 -5.89
C PHE A 173 -4.87 -2.94 -4.93
N ASP A 174 -3.63 -2.68 -5.29
CA ASP A 174 -2.77 -1.87 -4.44
C ASP A 174 -3.15 -0.42 -4.58
N ASN A 175 -2.38 0.49 -3.99
CA ASN A 175 -2.74 1.89 -4.10
C ASN A 175 -2.17 2.50 -5.36
N LYS A 176 -1.40 1.73 -6.09
CA LYS A 176 -0.82 2.22 -7.33
C LYS A 176 -0.87 1.07 -8.31
N ILE A 177 -1.67 1.23 -9.36
CA ILE A 177 -1.78 0.19 -10.37
C ILE A 177 -1.53 0.74 -11.74
N VAL A 178 -1.46 -0.15 -12.73
CA VAL A 178 -1.23 0.22 -14.13
C VAL A 178 -2.13 -0.62 -15.02
N VAL A 179 -2.96 0.05 -15.79
CA VAL A 179 -3.89 -0.64 -16.68
C VAL A 179 -3.40 -0.50 -18.08
N TYR A 180 -3.18 -1.64 -18.72
CA TYR A 180 -2.72 -1.65 -20.09
C TYR A 180 -3.86 -1.87 -21.06
N LYS A 181 -4.13 -3.10 -21.39
CA LYS A 181 -5.22 -3.27 -22.33
C LYS A 181 -6.41 -3.79 -21.57
N ASP A 182 -6.43 -5.10 -21.41
CA ASP A 182 -7.47 -5.80 -20.70
C ASP A 182 -6.78 -6.34 -19.45
N GLU A 183 -5.50 -5.98 -19.28
CA GLU A 183 -4.69 -6.41 -18.14
C GLU A 183 -4.56 -5.33 -17.08
N VAL A 184 -4.31 -5.74 -15.85
CA VAL A 184 -4.15 -4.80 -14.75
C VAL A 184 -2.96 -5.28 -13.94
N PHE A 185 -2.10 -4.35 -13.58
CA PHE A 185 -0.91 -4.68 -12.83
C PHE A 185 -0.78 -3.87 -11.57
N ASN A 186 -0.15 -4.48 -10.57
CA ASN A 186 0.09 -3.79 -9.32
C ASN A 186 1.54 -3.29 -9.37
N GLN A 187 1.82 -2.14 -10.00
CA GLN A 187 3.20 -1.66 -10.06
C GLN A 187 3.47 -0.34 -9.33
N ASP A 188 4.57 -0.26 -8.57
CA ASP A 188 4.95 0.98 -7.86
C ASP A 188 5.58 1.87 -8.93
N PHE A 189 4.87 2.06 -10.05
CA PHE A 189 5.33 2.90 -11.17
C PHE A 189 5.95 4.22 -10.75
N PRO A 190 7.09 4.58 -11.32
CA PRO A 190 7.70 5.84 -10.91
C PRO A 190 6.72 7.00 -11.00
N PRO A 191 6.87 7.99 -10.11
CA PRO A 191 5.99 9.17 -10.08
C PRO A 191 5.96 9.89 -11.40
N TYR A 192 5.24 11.00 -11.44
CA TYR A 192 5.13 11.74 -12.68
C TYR A 192 6.48 12.19 -13.24
N GLY A 193 6.96 13.36 -12.85
CA GLY A 193 8.22 13.82 -13.38
C GLY A 193 9.39 13.07 -12.77
N SER A 194 9.45 11.77 -12.95
CA SER A 194 10.53 11.07 -12.33
C SER A 194 10.92 9.86 -13.12
N GLY A 195 10.43 9.81 -14.34
CA GLY A 195 10.72 8.70 -15.22
C GLY A 195 12.20 8.55 -15.50
N GLN A 196 12.60 7.31 -15.79
CA GLN A 196 14.00 6.99 -16.09
C GLN A 196 14.09 6.38 -17.48
N PRO A 197 15.22 6.61 -18.18
CA PRO A 197 15.41 6.05 -19.52
C PRO A 197 15.42 4.51 -19.54
N GLY A 198 14.94 3.96 -20.65
CA GLY A 198 14.88 2.52 -20.84
C GLY A 198 14.10 1.78 -19.77
N ARG A 199 13.14 2.46 -19.15
CA ARG A 199 12.37 1.83 -18.11
C ARG A 199 10.96 2.36 -18.22
N PHE A 200 10.00 1.64 -17.67
CA PHE A 200 8.62 2.08 -17.74
C PHE A 200 8.55 3.53 -17.30
N GLY A 201 7.78 4.32 -18.03
CA GLY A 201 7.66 5.73 -17.70
C GLY A 201 8.73 6.57 -18.37
N ASP A 202 9.34 6.00 -19.40
CA ASP A 202 10.37 6.68 -20.18
C ASP A 202 9.91 8.10 -20.44
N ILE A 203 8.71 8.21 -20.96
CA ILE A 203 8.14 9.50 -21.21
C ILE A 203 6.88 9.44 -20.38
N GLN A 204 6.33 10.60 -20.06
CA GLN A 204 5.12 10.66 -19.24
C GLN A 204 4.28 11.89 -19.54
N SER A 205 2.97 11.69 -19.56
CA SER A 205 2.04 12.81 -19.77
C SER A 205 0.73 12.44 -19.12
N ARG A 206 0.01 13.44 -18.62
CA ARG A 206 -1.25 13.17 -17.96
C ARG A 206 -2.15 12.34 -18.86
N THR A 207 -2.35 12.80 -20.08
CA THR A 207 -3.20 12.06 -20.98
C THR A 207 -2.55 12.02 -22.36
N VAL A 208 -3.13 11.25 -23.26
CA VAL A 208 -2.58 11.14 -24.60
C VAL A 208 -2.58 12.48 -25.34
N GLU A 209 -3.69 13.21 -25.22
CA GLU A 209 -3.86 14.52 -25.87
C GLU A 209 -3.27 15.63 -24.99
N SER A 210 -2.72 15.24 -23.84
CA SER A 210 -2.12 16.19 -22.88
C SER A 210 -1.08 17.08 -23.51
N ASN A 211 -0.63 18.06 -22.76
CA ASN A 211 0.36 18.98 -23.26
C ASN A 211 1.39 19.24 -22.18
N ASP A 212 1.71 18.20 -21.42
CA ASP A 212 2.70 18.29 -20.36
C ASP A 212 3.71 17.18 -20.53
N LEU A 213 3.99 16.84 -21.77
CA LEU A 213 4.90 15.74 -22.00
C LEU A 213 6.24 15.87 -21.29
N TYR A 214 6.59 14.82 -20.58
CA TYR A 214 7.86 14.77 -19.87
C TYR A 214 8.61 13.56 -20.38
N ALA A 215 9.91 13.70 -20.58
CA ALA A 215 10.69 12.59 -21.07
C ALA A 215 12.07 12.64 -20.47
N ASN A 216 12.76 11.52 -20.57
CA ASN A 216 14.11 11.37 -20.01
C ASN A 216 14.68 10.13 -20.68
N THR A 217 14.89 10.24 -21.98
CA THR A 217 15.42 9.13 -22.76
C THR A 217 16.94 9.11 -22.86
N ALA A 218 17.60 10.05 -22.19
CA ALA A 218 19.04 10.08 -22.24
C ALA A 218 19.49 10.37 -23.66
N LEU A 219 18.87 11.39 -24.23
CA LEU A 219 19.18 11.81 -25.58
C LEU A 219 20.54 12.51 -25.51
N LYS A 220 21.52 12.00 -26.25
CA LYS A 220 22.86 12.62 -26.26
C LYS A 220 23.30 12.97 -27.69
N LEU A 221 23.61 14.25 -27.90
CA LEU A 221 24.06 14.76 -29.20
C LEU A 221 25.52 14.40 -29.48
N ALA A 222 25.72 13.75 -30.62
CA ALA A 222 27.04 13.32 -31.07
C ALA A 222 27.54 14.26 -32.16
N ARG A 223 28.87 14.35 -32.29
CA ARG A 223 29.54 15.22 -33.26
C ARG A 223 29.40 14.68 -34.66
N PRO A 224 29.07 15.54 -35.63
CA PRO A 224 28.90 15.10 -37.02
C PRO A 224 30.09 14.36 -37.62
N SER A 225 29.77 13.44 -38.52
CA SER A 225 30.77 12.61 -39.18
C SER A 225 31.00 13.18 -40.59
N PRO A 226 32.25 13.55 -40.92
CA PRO A 226 32.56 14.09 -42.26
C PRO A 226 31.85 13.37 -43.41
N GLY A 227 31.34 14.15 -44.37
CA GLY A 227 30.64 13.58 -45.52
C GLY A 227 29.34 14.28 -45.89
N MET A 228 28.24 13.75 -45.39
CA MET A 228 26.91 14.32 -45.65
C MET A 228 26.40 14.83 -44.31
N VAL A 229 26.24 16.14 -44.13
CA VAL A 229 25.76 16.63 -42.83
C VAL A 229 24.41 16.03 -42.42
N HIS A 230 24.37 15.59 -41.15
CA HIS A 230 23.21 14.96 -40.52
C HIS A 230 23.32 15.14 -39.01
N VAL A 231 22.40 14.59 -38.23
CA VAL A 231 22.50 14.77 -36.79
C VAL A 231 22.63 13.47 -36.03
N PRO A 232 23.85 13.15 -35.60
CA PRO A 232 24.14 11.92 -34.86
C PRO A 232 23.80 12.12 -33.39
N TYR A 233 23.38 11.05 -32.74
CA TYR A 233 23.01 11.08 -31.34
C TYR A 233 22.80 9.69 -30.76
N THR A 234 22.90 9.58 -29.43
CA THR A 234 22.70 8.32 -28.75
C THR A 234 21.47 8.43 -27.89
N GLN A 235 20.74 7.34 -27.78
CA GLN A 235 19.54 7.31 -26.96
C GLN A 235 19.41 6.04 -26.14
N THR A 236 18.18 5.65 -25.86
CA THR A 236 17.93 4.46 -25.10
C THR A 236 16.60 3.93 -25.57
N PRO A 237 16.61 2.78 -26.25
CA PRO A 237 15.36 2.19 -26.76
C PRO A 237 14.15 2.32 -25.85
N SER A 238 13.02 2.69 -26.43
CA SER A 238 11.77 2.88 -25.69
C SER A 238 11.58 2.00 -24.48
N GLY A 239 11.65 2.61 -23.31
CA GLY A 239 11.46 1.84 -22.08
C GLY A 239 10.15 1.11 -22.18
N PHE A 240 9.15 1.76 -22.76
CA PHE A 240 7.85 1.14 -22.88
C PHE A 240 7.96 -0.23 -23.53
N LYS A 241 8.73 -0.31 -24.60
CA LYS A 241 8.90 -1.58 -25.26
C LYS A 241 9.52 -2.53 -24.26
N TYR A 242 10.55 -2.08 -23.57
CA TYR A 242 11.20 -2.93 -22.59
C TYR A 242 10.21 -3.45 -21.56
N TRP A 243 9.36 -2.56 -21.07
CA TRP A 243 8.36 -2.95 -20.08
C TRP A 243 7.50 -4.09 -20.58
N LEU A 244 7.05 -3.98 -21.83
CA LEU A 244 6.24 -5.01 -22.42
C LEU A 244 6.83 -6.40 -22.19
N LYS A 245 8.14 -6.55 -22.40
CA LYS A 245 8.78 -7.85 -22.20
C LYS A 245 8.96 -8.17 -20.72
N GLU A 246 9.26 -7.16 -19.92
CA GLU A 246 9.49 -7.35 -18.50
C GLU A 246 8.25 -7.71 -17.68
N LYS A 247 7.36 -6.72 -17.49
CA LYS A 247 6.11 -6.86 -16.73
C LYS A 247 5.61 -8.30 -16.70
N GLY A 248 5.68 -8.92 -15.54
CA GLY A 248 5.23 -10.30 -15.48
C GLY A 248 3.79 -10.53 -15.89
N THR A 249 3.19 -11.48 -15.20
CA THR A 249 1.82 -11.87 -15.41
C THR A 249 0.96 -10.78 -14.76
N ALA A 250 -0.26 -10.63 -15.25
CA ALA A 250 -1.14 -9.62 -14.70
C ALA A 250 -1.84 -10.11 -13.44
N LEU A 251 -2.51 -9.17 -12.78
CA LEU A 251 -3.24 -9.49 -11.56
C LEU A 251 -4.38 -10.40 -11.97
N ASN A 252 -4.88 -10.19 -13.18
CA ASN A 252 -5.99 -10.96 -13.72
C ASN A 252 -5.97 -12.43 -13.38
N THR A 253 -4.79 -12.98 -13.10
CA THR A 253 -4.72 -14.39 -12.76
C THR A 253 -3.89 -14.65 -11.53
N LYS A 254 -3.62 -13.61 -10.77
CA LYS A 254 -2.85 -13.83 -9.57
C LYS A 254 -3.66 -13.32 -8.39
N ALA A 255 -4.89 -12.91 -8.68
CA ALA A 255 -5.74 -12.38 -7.64
C ALA A 255 -6.08 -13.44 -6.60
N PRO A 256 -5.81 -13.15 -5.33
CA PRO A 256 -6.07 -14.06 -4.22
C PRO A 256 -7.55 -14.21 -3.95
N PHE A 257 -7.85 -15.07 -3.00
CA PHE A 257 -9.22 -15.31 -2.59
C PHE A 257 -10.23 -15.51 -3.73
N GLY A 258 -9.79 -16.15 -4.81
CA GLY A 258 -10.66 -16.41 -5.94
C GLY A 258 -11.23 -15.17 -6.62
N CYS A 259 -10.69 -14.04 -6.23
CA CYS A 259 -11.12 -12.77 -6.78
C CYS A 259 -10.89 -12.76 -8.31
N GLN A 260 -11.82 -12.21 -9.08
CA GLN A 260 -11.73 -12.14 -10.55
C GLN A 260 -11.58 -10.71 -11.02
N ILE A 261 -10.57 -10.40 -11.82
CA ILE A 261 -10.40 -9.02 -12.26
C ILE A 261 -11.10 -8.69 -13.57
N LYS A 262 -11.60 -7.47 -13.70
CA LYS A 262 -12.23 -7.08 -14.94
C LYS A 262 -11.68 -5.73 -15.36
N THR A 263 -11.77 -5.40 -16.64
CA THR A 263 -11.15 -4.18 -17.09
C THR A 263 -11.88 -2.94 -17.52
N ASN A 264 -13.06 -3.05 -18.10
CA ASN A 264 -13.67 -1.82 -18.54
C ASN A 264 -13.84 -0.83 -17.41
N PRO A 265 -14.74 -1.12 -16.46
CA PRO A 265 -14.85 -0.12 -15.41
C PRO A 265 -13.74 -0.36 -14.37
N VAL A 266 -13.06 -1.49 -14.45
CA VAL A 266 -11.97 -1.83 -13.53
C VAL A 266 -12.43 -2.18 -12.15
N ARG A 267 -12.60 -3.46 -11.89
CA ARG A 267 -13.07 -3.86 -10.59
C ARG A 267 -12.69 -5.29 -10.29
N ALA A 268 -12.96 -5.71 -9.07
CA ALA A 268 -12.67 -7.07 -8.66
C ALA A 268 -14.01 -7.74 -8.40
N MET A 269 -14.21 -8.93 -8.97
CA MET A 269 -15.48 -9.62 -8.79
C MET A 269 -15.41 -10.87 -7.90
N ASN A 270 -16.56 -11.23 -7.33
CA ASN A 270 -16.70 -12.40 -6.46
C ASN A 270 -15.62 -12.67 -5.45
N CYS A 271 -14.95 -11.60 -5.06
CA CYS A 271 -13.91 -11.68 -4.07
C CYS A 271 -14.50 -12.33 -2.83
N ALA A 272 -13.91 -13.45 -2.40
CA ALA A 272 -14.45 -14.19 -1.27
C ALA A 272 -13.89 -13.91 0.10
N VAL A 273 -14.31 -12.81 0.70
CA VAL A 273 -13.81 -12.47 2.01
C VAL A 273 -14.89 -11.82 2.85
N GLY A 274 -15.19 -12.39 4.00
CA GLY A 274 -16.20 -11.78 4.85
C GLY A 274 -17.51 -12.50 5.04
N ASN A 275 -18.47 -11.79 5.60
CA ASN A 275 -19.78 -12.34 5.83
C ASN A 275 -20.84 -11.27 5.65
N ILE A 276 -22.09 -11.70 5.45
CA ILE A 276 -23.21 -10.79 5.28
C ILE A 276 -24.26 -11.16 6.28
N PRO A 277 -24.49 -10.29 7.28
CA PRO A 277 -25.47 -10.50 8.34
C PRO A 277 -26.89 -10.12 7.92
N VAL A 278 -27.87 -10.91 8.36
CA VAL A 278 -29.26 -10.65 8.00
C VAL A 278 -30.15 -10.79 9.22
N SER A 279 -31.41 -10.39 9.11
CA SER A 279 -32.34 -10.50 10.24
C SER A 279 -33.75 -10.44 9.70
N MET A 280 -34.67 -11.15 10.37
CA MET A 280 -36.08 -11.19 9.94
C MET A 280 -37.04 -11.16 11.12
N ASN A 281 -38.35 -11.32 10.83
CA ASN A 281 -39.44 -11.31 11.83
C ASN A 281 -39.85 -12.73 12.13
N LEU A 282 -39.00 -13.46 12.84
CA LEU A 282 -39.26 -14.85 13.15
C LEU A 282 -38.44 -15.28 14.34
N PRO A 283 -39.03 -16.07 15.25
CA PRO A 283 -38.30 -16.54 16.44
C PRO A 283 -37.21 -17.56 16.08
N ASP A 284 -36.13 -17.59 16.86
CA ASP A 284 -35.01 -18.52 16.61
C ASP A 284 -35.52 -19.94 16.77
N SER A 285 -36.80 -20.01 17.12
CA SER A 285 -37.51 -21.27 17.34
C SER A 285 -37.99 -21.86 16.01
N ALA A 286 -38.61 -21.03 15.19
CA ALA A 286 -39.06 -21.55 13.91
C ALA A 286 -37.85 -21.83 13.01
N PHE A 287 -36.71 -21.21 13.28
CA PHE A 287 -35.52 -21.38 12.45
C PHE A 287 -34.72 -22.66 12.71
N THR A 288 -34.20 -23.28 11.66
CA THR A 288 -33.43 -24.51 11.82
C THR A 288 -32.55 -24.61 10.60
N ARG A 289 -31.24 -24.47 10.75
CA ARG A 289 -30.41 -24.53 9.57
C ARG A 289 -30.17 -25.92 9.01
N ILE A 290 -30.01 -25.94 7.69
CA ILE A 290 -29.79 -27.14 6.91
C ILE A 290 -28.42 -27.08 6.26
N VAL A 291 -27.64 -28.14 6.41
CA VAL A 291 -26.30 -28.17 5.83
C VAL A 291 -26.06 -29.47 5.11
N GLU A 292 -26.37 -29.48 3.82
CA GLU A 292 -26.20 -30.68 3.01
C GLU A 292 -25.07 -30.54 2.01
N ALA A 293 -23.90 -31.01 2.42
CA ALA A 293 -22.73 -30.95 1.56
C ALA A 293 -22.40 -32.28 0.92
N PRO A 294 -21.87 -32.22 -0.30
CA PRO A 294 -21.50 -33.43 -1.04
C PRO A 294 -20.42 -34.23 -0.31
N THR A 295 -20.75 -35.46 0.06
CA THR A 295 -19.78 -36.26 0.79
C THR A 295 -18.76 -36.86 -0.17
N ILE A 296 -17.48 -36.55 0.05
CA ILE A 296 -16.46 -37.10 -0.85
C ILE A 296 -15.41 -37.94 -0.12
N ILE A 297 -14.89 -38.95 -0.83
CA ILE A 297 -13.87 -39.84 -0.27
C ILE A 297 -12.86 -40.26 -1.30
N ASP A 298 -11.79 -40.87 -0.82
CA ASP A 298 -10.67 -41.33 -1.65
C ASP A 298 -10.01 -40.12 -2.27
N LEU A 299 -9.65 -39.15 -1.43
CA LEU A 299 -9.03 -37.95 -1.92
C LEU A 299 -7.59 -38.22 -2.32
N THR A 300 -7.14 -37.54 -3.38
CA THR A 300 -5.77 -37.72 -3.83
C THR A 300 -5.18 -36.49 -4.51
N CYS A 301 -4.07 -36.01 -3.94
CA CYS A 301 -3.38 -34.83 -4.45
C CYS A 301 -2.27 -35.17 -5.42
N THR A 302 -2.11 -34.34 -6.43
CA THR A 302 -1.06 -34.58 -7.42
C THR A 302 -0.58 -33.26 -8.02
N VAL A 303 0.63 -32.85 -7.66
CA VAL A 303 1.14 -31.59 -8.19
C VAL A 303 1.86 -31.73 -9.52
N ALA A 304 1.30 -31.11 -10.57
CA ALA A 304 1.91 -31.19 -11.90
C ALA A 304 3.17 -30.34 -11.95
N THR A 305 2.96 -29.05 -12.20
CA THR A 305 4.06 -28.10 -12.24
C THR A 305 3.95 -27.17 -11.05
N CYS A 306 5.11 -26.63 -10.67
CA CYS A 306 5.22 -25.72 -9.55
C CYS A 306 6.44 -24.81 -9.61
N THR A 307 6.20 -23.52 -9.43
CA THR A 307 7.29 -22.55 -9.43
C THR A 307 7.40 -21.94 -8.04
N HIS A 308 8.67 -21.82 -7.63
CA HIS A 308 9.09 -21.31 -6.33
C HIS A 308 8.33 -20.13 -5.74
N SER A 309 9.04 -19.03 -5.52
CA SER A 309 8.45 -17.85 -4.92
C SER A 309 7.77 -16.91 -5.94
N SER A 310 6.57 -17.29 -6.37
CA SER A 310 5.80 -16.52 -7.33
C SER A 310 4.30 -16.74 -7.12
N ASP A 311 3.55 -15.64 -7.06
CA ASP A 311 2.11 -15.68 -6.84
C ASP A 311 1.42 -16.83 -7.57
N PHE A 312 1.09 -17.84 -6.78
CA PHE A 312 0.40 -19.06 -7.23
C PHE A 312 1.07 -19.72 -8.43
N GLY A 313 2.30 -20.17 -8.22
CA GLY A 313 3.04 -20.79 -9.29
C GLY A 313 2.85 -22.29 -9.37
N GLY A 314 2.09 -22.83 -8.44
CA GLY A 314 1.86 -24.26 -8.42
C GLY A 314 0.48 -24.64 -8.89
N VAL A 315 0.34 -25.90 -9.29
CA VAL A 315 -0.93 -26.40 -9.79
C VAL A 315 -1.23 -27.80 -9.24
N LEU A 316 -2.21 -27.87 -8.35
CA LEU A 316 -2.61 -29.12 -7.73
C LEU A 316 -3.79 -29.71 -8.47
N THR A 317 -3.93 -31.03 -8.41
CA THR A 317 -5.04 -31.69 -9.07
C THR A 317 -5.56 -32.77 -8.14
N LEU A 318 -6.83 -32.65 -7.78
CA LEU A 318 -7.38 -33.62 -6.86
C LEU A 318 -8.28 -34.63 -7.53
N THR A 319 -8.03 -35.91 -7.27
CA THR A 319 -8.86 -36.97 -7.83
C THR A 319 -9.72 -37.42 -6.66
N TYR A 320 -10.92 -37.90 -6.94
CA TYR A 320 -11.80 -38.30 -5.86
C TYR A 320 -13.07 -39.02 -6.33
N LYS A 321 -13.94 -39.25 -5.35
CA LYS A 321 -15.23 -39.88 -5.59
C LYS A 321 -16.30 -39.15 -4.79
N THR A 322 -17.35 -38.76 -5.47
CA THR A 322 -18.43 -38.05 -4.81
C THR A 322 -19.71 -38.89 -4.82
N ASN A 323 -20.66 -38.50 -3.98
CA ASN A 323 -21.93 -39.19 -3.91
C ASN A 323 -22.99 -38.36 -4.64
N LYS A 324 -22.76 -37.04 -4.74
CA LYS A 324 -23.70 -36.14 -5.42
C LYS A 324 -22.96 -34.93 -6.01
N ASN A 325 -23.16 -34.62 -7.29
CA ASN A 325 -22.47 -33.47 -7.87
C ASN A 325 -22.91 -32.22 -7.09
N GLY A 326 -21.93 -31.40 -6.69
CA GLY A 326 -22.23 -30.20 -5.93
C GLY A 326 -21.19 -29.09 -6.02
N ASP A 327 -20.94 -28.43 -4.89
CA ASP A 327 -19.98 -27.33 -4.80
C ASP A 327 -19.30 -27.33 -3.42
N CYS A 328 -18.04 -27.74 -3.38
CA CYS A 328 -17.28 -27.78 -2.14
C CYS A 328 -16.33 -26.63 -1.87
N SER A 329 -15.84 -26.58 -0.64
CA SER A 329 -14.91 -25.55 -0.25
C SER A 329 -13.50 -26.14 -0.17
N VAL A 330 -12.52 -25.37 -0.63
CA VAL A 330 -11.14 -25.82 -0.59
C VAL A 330 -10.29 -25.01 0.36
N HIS A 331 -9.45 -25.71 1.10
CA HIS A 331 -8.61 -25.08 2.10
C HIS A 331 -7.26 -25.73 2.23
N SER A 332 -6.35 -25.03 2.88
CA SER A 332 -5.00 -25.54 3.13
C SER A 332 -4.70 -25.47 4.62
N HIS A 333 -4.38 -26.61 5.21
CA HIS A 333 -4.12 -26.63 6.63
C HIS A 333 -2.65 -26.51 6.98
N SER A 334 -1.86 -25.98 6.04
CA SER A 334 -0.43 -25.82 6.28
C SER A 334 0.02 -24.43 5.83
N ASN A 335 0.44 -23.61 6.78
CA ASN A 335 0.86 -22.26 6.45
C ASN A 335 1.93 -22.19 5.36
N VAL A 336 2.51 -23.32 5.03
CA VAL A 336 3.56 -23.33 4.02
C VAL A 336 3.02 -23.27 2.59
N ALA A 337 1.70 -23.31 2.46
CA ALA A 337 1.06 -23.26 1.14
C ALA A 337 -0.30 -22.59 1.22
N THR A 338 -0.60 -21.82 0.19
CA THR A 338 -1.84 -21.10 0.12
C THR A 338 -2.59 -21.38 -1.17
N LEU A 339 -3.90 -21.51 -1.07
CA LEU A 339 -4.77 -21.79 -2.20
C LEU A 339 -5.37 -20.53 -2.80
N GLN A 340 -5.35 -20.42 -4.12
CA GLN A 340 -5.91 -19.25 -4.79
C GLN A 340 -7.42 -19.24 -4.65
N GLU A 341 -8.10 -20.17 -5.31
CA GLU A 341 -9.55 -20.25 -5.23
C GLU A 341 -9.99 -20.66 -3.85
N ALA A 342 -11.24 -20.38 -3.51
CA ALA A 342 -11.70 -20.75 -2.18
C ALA A 342 -12.85 -21.70 -2.28
N THR A 343 -13.07 -22.21 -3.47
CA THR A 343 -14.15 -23.14 -3.70
C THR A 343 -13.96 -23.81 -5.03
N ALA A 344 -14.63 -24.95 -5.20
CA ALA A 344 -14.53 -25.71 -6.44
C ALA A 344 -15.74 -26.59 -6.62
N LYS A 345 -16.23 -26.68 -7.85
CA LYS A 345 -17.39 -27.51 -8.10
C LYS A 345 -17.01 -28.98 -8.14
N VAL A 346 -17.79 -29.79 -7.46
CA VAL A 346 -17.51 -31.22 -7.44
C VAL A 346 -18.42 -32.02 -8.35
N LYS A 347 -17.83 -32.46 -9.46
CA LYS A 347 -18.53 -33.25 -10.48
C LYS A 347 -18.21 -34.73 -10.23
N THR A 348 -19.11 -35.60 -10.68
CA THR A 348 -18.95 -37.05 -10.50
C THR A 348 -17.80 -37.61 -11.35
N ALA A 349 -17.27 -36.76 -12.23
CA ALA A 349 -16.15 -37.10 -13.09
C ALA A 349 -14.95 -37.44 -12.18
N GLY A 350 -14.72 -36.59 -11.16
CA GLY A 350 -13.62 -36.82 -10.22
C GLY A 350 -12.35 -36.02 -10.41
N LYS A 351 -12.44 -34.91 -11.16
CA LYS A 351 -11.28 -34.04 -11.45
C LYS A 351 -11.43 -32.59 -11.00
N VAL A 352 -10.52 -32.14 -10.14
CA VAL A 352 -10.53 -30.77 -9.63
C VAL A 352 -9.15 -30.17 -9.68
N THR A 353 -9.04 -29.03 -10.34
CA THR A 353 -7.76 -28.35 -10.47
C THR A 353 -7.71 -27.08 -9.60
N LEU A 354 -6.63 -26.91 -8.85
CA LEU A 354 -6.46 -25.74 -7.99
C LEU A 354 -5.07 -25.16 -8.15
N HIS A 355 -4.96 -23.86 -7.95
CA HIS A 355 -3.66 -23.20 -8.02
C HIS A 355 -3.24 -22.91 -6.60
N PHE A 356 -2.01 -23.27 -6.26
CA PHE A 356 -1.53 -22.99 -4.92
C PHE A 356 -0.27 -22.15 -4.98
N SER A 357 0.16 -21.65 -3.84
CA SER A 357 1.35 -20.83 -3.79
C SER A 357 2.19 -21.07 -2.54
N THR A 358 3.50 -21.09 -2.73
CA THR A 358 4.37 -21.30 -1.61
C THR A 358 5.71 -20.74 -1.95
N ALA A 359 6.51 -20.51 -0.94
CA ALA A 359 7.82 -19.95 -1.18
C ALA A 359 8.89 -20.94 -0.79
N SER A 360 8.48 -22.18 -0.60
CA SER A 360 9.41 -23.21 -0.19
C SER A 360 9.56 -24.31 -1.21
N ALA A 361 10.71 -24.37 -1.87
CA ALA A 361 10.96 -25.44 -2.84
C ALA A 361 10.80 -26.74 -2.07
N SER A 362 10.06 -27.71 -2.59
CA SER A 362 9.89 -28.99 -1.88
C SER A 362 9.06 -28.86 -0.57
N PRO A 363 7.81 -28.37 -0.69
CA PRO A 363 6.85 -28.17 0.40
C PRO A 363 5.94 -29.37 0.58
N SER A 364 5.39 -29.52 1.78
CA SER A 364 4.48 -30.64 2.01
C SER A 364 3.24 -30.20 2.77
N PHE A 365 2.21 -29.80 2.03
CA PHE A 365 0.98 -29.31 2.62
C PHE A 365 -0.20 -30.27 2.48
N VAL A 366 -1.27 -29.95 3.17
CA VAL A 366 -2.48 -30.77 3.13
C VAL A 366 -3.68 -29.95 2.68
N VAL A 367 -4.15 -30.24 1.47
CA VAL A 367 -5.30 -29.55 0.91
C VAL A 367 -6.57 -30.21 1.39
N SER A 368 -7.71 -29.54 1.26
CA SER A 368 -8.95 -30.12 1.69
C SER A 368 -10.08 -29.86 0.73
N LEU A 369 -10.97 -30.83 0.62
CA LEU A 369 -12.12 -30.74 -0.26
C LEU A 369 -13.33 -31.07 0.58
N CYS A 370 -13.98 -30.03 1.07
CA CYS A 370 -15.12 -30.19 1.94
C CYS A 370 -14.60 -30.77 3.22
N SER A 371 -15.03 -31.99 3.55
CA SER A 371 -14.59 -32.62 4.80
C SER A 371 -13.46 -33.62 4.62
N ALA A 372 -13.01 -33.79 3.39
CA ALA A 372 -11.94 -34.75 3.11
C ALA A 372 -10.56 -34.11 3.03
N ARG A 373 -9.53 -34.79 3.52
CA ARG A 373 -8.19 -34.23 3.46
C ARG A 373 -7.26 -35.11 2.65
N ALA A 374 -6.15 -34.52 2.19
CA ALA A 374 -5.18 -35.26 1.42
C ALA A 374 -3.85 -34.48 1.42
N THR A 375 -2.74 -35.23 1.38
CA THR A 375 -1.42 -34.61 1.39
C THR A 375 -0.90 -34.34 0.00
N CYS A 376 -0.10 -33.29 -0.11
CA CYS A 376 0.49 -32.92 -1.40
C CYS A 376 1.97 -32.75 -1.20
N SER A 377 2.73 -33.41 -2.05
CA SER A 377 4.17 -33.33 -1.96
C SER A 377 4.69 -32.99 -3.33
N ALA A 378 5.51 -31.95 -3.43
CA ALA A 378 6.05 -31.56 -4.73
C ALA A 378 7.37 -30.84 -4.60
N SER A 379 8.10 -30.75 -5.72
CA SER A 379 9.38 -30.05 -5.74
C SER A 379 9.27 -28.95 -6.81
N CYS A 380 9.46 -27.69 -6.37
CA CYS A 380 9.34 -26.51 -7.24
C CYS A 380 10.66 -25.91 -7.72
N GLU A 381 10.61 -25.28 -8.90
CA GLU A 381 11.80 -24.64 -9.47
C GLU A 381 11.74 -23.13 -9.16
N PRO A 382 12.91 -22.48 -8.91
CA PRO A 382 12.97 -21.06 -8.61
C PRO A 382 12.39 -20.25 -9.76
N PRO A 383 12.00 -19.00 -9.50
CA PRO A 383 11.40 -18.07 -10.47
C PRO A 383 12.28 -17.77 -11.66
N LYS A 384 11.63 -17.51 -12.78
CA LYS A 384 12.34 -17.20 -14.01
C LYS A 384 13.34 -16.05 -13.85
N ASP A 385 14.35 -16.01 -14.71
CA ASP A 385 15.34 -14.95 -14.70
C ASP A 385 14.67 -13.68 -15.23
N HIS A 386 15.11 -12.55 -14.73
CA HIS A 386 14.57 -11.27 -15.17
C HIS A 386 15.09 -10.97 -16.56
N ILE A 387 14.67 -9.84 -17.12
CA ILE A 387 15.13 -9.46 -18.45
C ILE A 387 16.02 -8.23 -18.31
N VAL A 388 17.31 -8.47 -18.08
CA VAL A 388 18.28 -7.40 -17.93
C VAL A 388 18.08 -6.36 -18.99
N PRO A 389 18.03 -5.09 -18.57
CA PRO A 389 17.84 -3.95 -19.46
C PRO A 389 19.13 -3.52 -20.13
N TYR A 390 19.10 -2.37 -20.80
CA TYR A 390 20.29 -1.87 -21.49
C TYR A 390 21.50 -1.84 -20.56
N ALA A 391 22.35 -2.86 -20.66
CA ALA A 391 23.58 -2.97 -19.86
C ALA A 391 24.73 -2.03 -20.35
N TYR B 1 -31.15 -15.31 28.82
CA TYR B 1 -31.54 -14.89 27.44
C TYR B 1 -30.48 -13.99 26.84
N GLU B 2 -30.20 -14.24 25.58
CA GLU B 2 -29.21 -13.49 24.83
C GLU B 2 -29.70 -13.38 23.42
N HIS B 3 -29.99 -12.15 22.99
CA HIS B 3 -30.44 -11.90 21.63
C HIS B 3 -29.30 -11.15 20.94
N SER B 4 -28.91 -11.60 19.75
CA SER B 4 -27.82 -10.99 19.05
C SER B 4 -28.30 -10.19 17.83
N THR B 5 -27.59 -9.13 17.48
CA THR B 5 -27.98 -8.30 16.37
C THR B 5 -26.76 -7.64 15.81
N VAL B 6 -26.98 -6.70 14.91
CA VAL B 6 -25.87 -5.99 14.30
C VAL B 6 -26.40 -4.73 13.65
N MET B 7 -25.76 -3.62 13.97
CA MET B 7 -26.16 -2.34 13.41
C MET B 7 -25.08 -1.86 12.48
N PRO B 8 -25.43 -0.99 11.52
CA PRO B 8 -24.49 -0.45 10.56
C PRO B 8 -23.53 0.52 11.19
N ASN B 9 -22.32 0.54 10.65
CA ASN B 9 -21.28 1.41 11.14
C ASN B 9 -21.30 2.75 10.42
N VAL B 10 -22.47 3.38 10.36
CA VAL B 10 -22.59 4.66 9.70
C VAL B 10 -23.17 5.67 10.64
N VAL B 11 -22.48 6.79 10.76
CA VAL B 11 -22.92 7.85 11.64
C VAL B 11 -24.13 8.49 11.10
N GLY B 12 -25.25 8.30 11.78
CA GLY B 12 -26.51 8.88 11.34
C GLY B 12 -27.60 7.84 11.30
N PHE B 13 -27.66 7.06 10.22
CA PHE B 13 -28.67 6.01 10.07
C PHE B 13 -28.68 5.24 11.40
N PRO B 14 -29.82 5.31 12.14
CA PRO B 14 -29.95 4.63 13.43
C PRO B 14 -30.49 3.22 13.39
N TYR B 15 -30.56 2.61 14.56
CA TYR B 15 -31.09 1.27 14.74
C TYR B 15 -32.24 1.51 15.69
N LYS B 16 -33.44 1.04 15.35
CA LYS B 16 -34.57 1.27 16.23
C LYS B 16 -35.39 0.01 16.43
N ALA B 17 -35.36 -0.52 17.64
CA ALA B 17 -36.12 -1.73 17.94
C ALA B 17 -37.26 -1.40 18.89
N HIS B 18 -38.31 -2.22 18.86
CA HIS B 18 -39.46 -1.99 19.71
C HIS B 18 -39.56 -3.17 20.65
N ILE B 19 -38.84 -3.08 21.77
CA ILE B 19 -38.84 -4.18 22.73
C ILE B 19 -40.09 -4.28 23.56
N GLU B 20 -40.96 -5.20 23.16
CA GLU B 20 -42.25 -5.44 23.84
C GLU B 20 -42.19 -6.61 24.83
N ARG B 21 -41.47 -6.38 25.94
CA ARG B 21 -41.32 -7.39 26.99
C ARG B 21 -42.62 -7.59 27.79
N PRO B 22 -43.23 -8.77 27.69
CA PRO B 22 -44.48 -9.09 28.39
C PRO B 22 -44.39 -8.84 29.90
N GLY B 23 -44.92 -7.70 30.30
CA GLY B 23 -44.93 -7.28 31.69
C GLY B 23 -45.84 -6.07 31.70
N TYR B 24 -45.40 -5.04 30.98
CA TYR B 24 -46.19 -3.84 30.89
C TYR B 24 -45.78 -2.88 29.79
N SER B 25 -45.55 -1.62 30.19
CA SER B 25 -45.13 -0.54 29.29
C SER B 25 -43.98 -0.98 28.35
N PRO B 26 -44.19 -0.92 27.01
CA PRO B 26 -43.24 -1.29 25.96
C PRO B 26 -42.07 -0.30 25.79
N LEU B 27 -40.85 -0.84 25.74
CA LEU B 27 -39.62 -0.05 25.61
C LEU B 27 -39.26 0.17 24.17
N THR B 28 -38.67 1.33 23.92
CA THR B 28 -38.26 1.68 22.57
C THR B 28 -36.76 1.90 22.55
N LEU B 29 -36.01 0.85 22.26
CA LEU B 29 -34.55 0.91 22.19
C LEU B 29 -34.09 1.56 20.90
N GLN B 30 -33.03 2.35 20.98
CA GLN B 30 -32.55 3.02 19.80
C GLN B 30 -31.09 3.41 20.02
N MET B 31 -30.20 2.77 19.26
CA MET B 31 -28.78 3.04 19.36
C MET B 31 -28.22 3.37 18.00
N GLN B 32 -27.42 4.42 17.93
CA GLN B 32 -26.83 4.80 16.66
C GLN B 32 -25.42 5.32 16.89
N VAL B 33 -24.58 5.19 15.87
CA VAL B 33 -23.21 5.63 15.96
C VAL B 33 -23.18 7.12 15.81
N VAL B 34 -22.27 7.78 16.51
CA VAL B 34 -22.19 9.22 16.41
C VAL B 34 -20.80 9.73 16.00
N GLU B 35 -19.82 8.83 15.98
CA GLU B 35 -18.45 9.22 15.65
C GLU B 35 -17.61 8.01 15.34
N THR B 36 -16.48 8.21 14.69
CA THR B 36 -15.63 7.09 14.37
C THR B 36 -14.24 7.62 14.19
N SER B 37 -13.31 7.08 14.96
CA SER B 37 -11.94 7.56 14.92
C SER B 37 -10.93 6.45 14.60
N LEU B 38 -10.27 6.60 13.46
CA LEU B 38 -9.26 5.64 13.04
C LEU B 38 -7.92 6.34 12.99
N GLU B 39 -7.10 6.15 14.02
CA GLU B 39 -5.81 6.80 14.03
C GLU B 39 -4.70 5.87 13.59
N PRO B 40 -3.81 6.34 12.71
CA PRO B 40 -2.71 5.50 12.27
C PRO B 40 -1.47 5.71 13.14
N THR B 41 -0.44 4.90 12.92
CA THR B 41 0.79 5.03 13.69
C THR B 41 1.83 5.69 12.82
N LEU B 42 1.83 7.01 12.76
CA LEU B 42 2.80 7.70 11.95
C LEU B 42 4.23 7.44 12.41
N ASN B 43 5.10 7.07 11.49
CA ASN B 43 6.50 6.85 11.81
C ASN B 43 7.29 7.82 10.94
N LEU B 44 7.48 9.03 11.45
CA LEU B 44 8.17 10.08 10.72
C LEU B 44 9.39 9.57 9.99
N GLU B 45 9.40 9.68 8.67
CA GLU B 45 10.56 9.23 7.93
C GLU B 45 11.50 10.41 7.73
N TYR B 46 10.98 11.53 7.26
CA TYR B 46 11.82 12.72 7.09
C TYR B 46 10.98 13.90 6.71
N ILE B 47 11.57 15.10 6.79
CA ILE B 47 10.83 16.29 6.39
C ILE B 47 11.65 17.09 5.36
N THR B 48 10.95 17.83 4.52
CA THR B 48 11.61 18.60 3.51
C THR B 48 11.01 20.00 3.52
N CYS B 49 11.76 20.94 2.93
CA CYS B 49 11.37 22.36 2.86
C CYS B 49 12.29 23.15 1.94
N GLU B 50 11.97 24.41 1.71
CA GLU B 50 12.81 25.23 0.82
C GLU B 50 14.25 25.17 1.28
N TYR B 51 15.17 25.02 0.34
CA TYR B 51 16.57 24.96 0.73
C TYR B 51 17.20 26.33 0.62
N LYS B 52 18.42 26.43 1.14
CA LYS B 52 19.21 27.67 1.14
C LYS B 52 20.63 27.32 0.69
N THR B 53 21.10 27.98 -0.35
CA THR B 53 22.43 27.72 -0.86
C THR B 53 23.46 28.46 -0.02
N VAL B 54 24.65 27.89 0.07
CA VAL B 54 25.65 28.54 0.87
C VAL B 54 27.03 28.45 0.26
N VAL B 55 27.57 29.59 -0.12
CA VAL B 55 28.90 29.60 -0.69
C VAL B 55 29.75 30.58 0.10
N PRO B 56 30.81 30.09 0.76
CA PRO B 56 31.66 31.00 1.53
C PRO B 56 32.52 31.88 0.63
N SER B 57 33.35 32.70 1.27
CA SER B 57 34.25 33.57 0.53
C SER B 57 35.27 32.68 -0.21
N PRO B 58 35.60 33.04 -1.45
CA PRO B 58 36.56 32.28 -2.27
C PRO B 58 38.02 32.47 -1.86
N TYR B 59 38.84 31.46 -2.17
CA TYR B 59 40.28 31.48 -1.87
C TYR B 59 41.16 31.87 -3.08
N VAL B 60 41.49 33.17 -3.14
CA VAL B 60 42.34 33.75 -4.21
C VAL B 60 43.76 33.20 -3.99
N LYS B 61 44.25 32.44 -4.96
CA LYS B 61 45.57 31.85 -4.79
C LYS B 61 46.47 32.14 -5.98
N CYS B 62 47.79 31.95 -5.81
CA CYS B 62 48.75 32.15 -6.88
C CYS B 62 49.03 30.86 -7.65
N CYS B 63 50.20 30.77 -8.29
CA CYS B 63 50.54 29.54 -9.04
C CYS B 63 50.92 28.43 -8.04
N GLY B 64 50.97 28.84 -6.76
CA GLY B 64 51.28 27.93 -5.65
C GLY B 64 50.02 27.13 -5.31
N ALA B 65 49.29 26.84 -6.39
CA ALA B 65 48.04 26.10 -6.42
C ALA B 65 47.79 25.11 -5.28
N SER B 66 46.55 25.15 -4.79
CA SER B 66 46.17 24.28 -3.71
C SER B 66 45.17 23.26 -4.26
N GLU B 67 44.91 22.23 -3.47
CA GLU B 67 43.94 21.18 -3.82
C GLU B 67 43.00 20.94 -2.64
N CYS B 68 41.70 21.07 -2.95
CA CYS B 68 40.64 20.90 -1.97
C CYS B 68 40.28 19.44 -1.75
N SER B 69 40.26 19.09 -0.50
CA SER B 69 39.91 17.75 -0.08
C SER B 69 38.40 17.53 -0.25
N THR B 70 37.74 17.14 0.84
CA THR B 70 36.31 16.87 0.87
C THR B 70 35.83 16.80 2.31
N LYS B 71 34.97 17.75 2.65
CA LYS B 71 34.41 17.86 3.99
C LYS B 71 33.04 17.15 4.04
N GLU B 72 32.37 17.25 5.18
CA GLU B 72 31.07 16.62 5.34
C GLU B 72 29.97 17.67 5.31
N LYS B 73 29.59 18.10 4.12
CA LYS B 73 28.53 19.09 4.02
C LYS B 73 27.50 18.69 2.97
N PRO B 74 26.21 18.95 3.26
CA PRO B 74 25.14 18.60 2.34
C PRO B 74 25.46 18.94 0.87
N ASP B 75 25.56 17.93 0.02
CA ASP B 75 25.81 18.16 -1.41
C ASP B 75 27.08 18.99 -1.59
N TYR B 76 27.94 18.98 -0.57
CA TYR B 76 29.19 19.73 -0.61
C TYR B 76 30.00 19.53 -1.89
N GLN B 77 30.50 20.66 -2.41
CA GLN B 77 31.32 20.68 -3.61
C GLN B 77 32.57 21.57 -3.42
N CYS B 78 33.52 21.45 -4.34
CA CYS B 78 34.74 22.27 -4.36
C CYS B 78 35.56 21.88 -5.59
N LYS B 79 36.11 22.89 -6.25
CA LYS B 79 36.91 22.68 -7.46
C LYS B 79 38.05 23.69 -7.58
N VAL B 80 39.27 23.18 -7.77
CA VAL B 80 40.45 24.02 -7.92
C VAL B 80 40.57 24.49 -9.39
N TYR B 81 40.32 25.78 -9.60
CA TYR B 81 40.39 26.31 -10.96
C TYR B 81 41.79 26.83 -11.40
N THR B 82 42.40 26.08 -12.34
CA THR B 82 43.75 26.39 -12.86
C THR B 82 43.73 27.38 -14.03
N GLY B 83 44.40 28.52 -13.84
CA GLY B 83 44.45 29.54 -14.88
C GLY B 83 43.11 30.21 -15.08
N VAL B 84 42.41 30.31 -13.94
CA VAL B 84 41.08 30.93 -13.87
C VAL B 84 41.41 32.13 -12.96
N TYR B 85 42.68 32.16 -12.58
CA TYR B 85 43.26 33.25 -11.79
C TYR B 85 42.62 34.48 -12.45
N PRO B 86 41.54 35.06 -11.86
CA PRO B 86 40.89 36.26 -12.46
C PRO B 86 41.93 37.20 -13.20
N PHE B 87 43.11 37.36 -12.59
CA PHE B 87 44.26 38.13 -13.10
C PHE B 87 44.03 39.64 -13.16
N MET B 88 44.92 40.38 -12.49
CA MET B 88 44.89 41.84 -12.43
C MET B 88 43.78 42.42 -11.53
N TRP B 89 44.04 43.63 -11.01
CA TRP B 89 43.15 44.35 -10.09
C TRP B 89 43.84 45.61 -9.47
N GLY B 90 45.14 45.46 -9.19
CA GLY B 90 45.95 46.53 -8.59
C GLY B 90 47.44 46.20 -8.60
N GLY B 91 47.97 45.76 -7.45
CA GLY B 91 49.39 45.40 -7.34
C GLY B 91 49.76 44.19 -8.19
N ALA B 92 50.64 43.34 -7.66
CA ALA B 92 51.07 42.13 -8.39
C ALA B 92 50.49 40.81 -7.82
N TYR B 93 49.63 40.16 -8.62
CA TYR B 93 49.03 38.87 -8.25
C TYR B 93 49.41 37.75 -9.18
N CYS B 94 50.48 37.06 -8.77
CA CYS B 94 51.04 35.90 -9.45
C CYS B 94 51.76 36.27 -10.76
N PHE B 95 53.05 36.57 -10.64
CA PHE B 95 53.89 36.95 -11.79
C PHE B 95 54.26 35.75 -12.66
N CYS B 96 54.05 34.53 -12.13
CA CYS B 96 54.32 33.30 -12.87
C CYS B 96 53.52 33.38 -14.20
N ASP B 97 54.30 33.50 -15.29
CA ASP B 97 53.82 33.61 -16.68
C ASP B 97 53.16 32.33 -17.17
N SER B 98 52.46 31.69 -16.23
CA SER B 98 51.78 30.44 -16.45
C SER B 98 50.34 30.56 -15.94
N GLU B 99 50.14 30.06 -14.71
CA GLU B 99 48.81 30.08 -14.10
C GLU B 99 48.77 29.89 -12.57
N ASN B 100 47.80 30.55 -11.94
CA ASN B 100 47.61 30.49 -10.49
C ASN B 100 46.63 29.35 -10.10
N THR B 101 45.49 29.73 -9.49
CA THR B 101 44.48 28.76 -9.03
C THR B 101 43.38 29.38 -8.12
N GLN B 102 42.13 28.90 -8.32
CA GLN B 102 40.93 29.34 -7.59
C GLN B 102 40.26 28.14 -6.89
N LEU B 103 40.12 28.26 -5.57
CA LEU B 103 39.52 27.23 -4.74
C LEU B 103 38.08 27.65 -4.41
N SER B 104 37.17 27.27 -5.30
CA SER B 104 35.76 27.59 -5.13
C SER B 104 35.06 26.40 -4.47
N GLU B 105 34.09 26.71 -3.60
CA GLU B 105 33.31 25.70 -2.89
C GLU B 105 31.96 26.23 -2.40
N ALA B 106 30.99 25.32 -2.29
CA ALA B 106 29.63 25.62 -1.80
C ALA B 106 28.81 24.38 -1.45
N TYR B 107 27.99 24.49 -0.41
CA TYR B 107 27.16 23.40 0.06
C TYR B 107 25.72 23.83 0.29
N VAL B 108 24.91 23.00 0.95
CA VAL B 108 23.51 23.33 1.21
C VAL B 108 23.05 23.10 2.64
N ASP B 109 22.03 23.86 3.02
CA ASP B 109 21.43 23.75 4.34
C ASP B 109 20.02 24.23 4.19
N ARG B 110 19.10 23.62 4.94
CA ARG B 110 17.69 23.99 4.84
C ARG B 110 17.39 25.43 5.21
N SER B 111 16.60 26.07 4.37
CA SER B 111 16.23 27.45 4.58
C SER B 111 15.81 27.79 6.00
N ASP B 112 16.06 29.05 6.37
CA ASP B 112 15.74 29.54 7.71
C ASP B 112 14.23 29.58 7.93
N VAL B 113 13.46 29.11 6.96
CA VAL B 113 12.01 29.16 7.11
C VAL B 113 11.37 27.79 7.34
N CYS B 114 12.20 26.74 7.31
CA CYS B 114 11.68 25.38 7.50
C CYS B 114 10.87 25.33 8.78
N ARG B 115 11.45 25.83 9.86
CA ARG B 115 10.77 25.77 11.14
C ARG B 115 9.27 25.98 11.04
N HIS B 116 8.82 27.07 10.41
CA HIS B 116 7.40 27.34 10.33
C HIS B 116 6.80 27.18 8.94
N ASP B 117 7.29 26.19 8.18
CA ASP B 117 6.81 25.94 6.83
C ASP B 117 7.56 24.76 6.18
N HIS B 118 7.13 23.56 6.54
CA HIS B 118 7.74 22.37 6.03
C HIS B 118 6.69 21.29 6.00
N ALA B 119 6.88 20.31 5.13
CA ALA B 119 5.95 19.22 5.02
C ALA B 119 6.59 18.04 5.72
N SER B 120 5.79 17.04 6.04
CA SER B 120 6.30 15.86 6.71
C SER B 120 5.90 14.60 5.97
N ALA B 121 6.81 13.64 5.95
CA ALA B 121 6.57 12.38 5.27
C ALA B 121 6.59 11.28 6.29
N TYR B 122 5.41 10.81 6.69
CA TYR B 122 5.32 9.74 7.68
C TYR B 122 5.01 8.40 7.02
N LYS B 123 5.24 7.34 7.76
CA LYS B 123 4.97 6.02 7.25
C LYS B 123 3.91 5.58 8.23
N ALA B 124 2.66 5.55 7.79
CA ALA B 124 1.55 5.21 8.68
C ALA B 124 0.84 3.88 8.44
N HIS B 125 0.39 3.27 9.54
CA HIS B 125 -0.34 2.00 9.49
C HIS B 125 -1.44 2.08 10.50
N THR B 126 -2.63 1.65 10.14
CA THR B 126 -3.71 1.69 11.09
C THR B 126 -3.36 1.15 12.50
N ALA B 127 -3.50 1.98 13.53
CA ALA B 127 -3.17 1.62 14.92
C ALA B 127 -4.37 1.19 15.76
N SER B 128 -5.48 1.89 15.58
CA SER B 128 -6.73 1.55 16.25
C SER B 128 -7.90 2.37 15.76
N LEU B 129 -9.06 1.75 15.83
CA LEU B 129 -10.30 2.34 15.38
C LEU B 129 -11.32 2.09 16.45
N LYS B 130 -11.93 3.16 16.95
CA LYS B 130 -12.96 3.08 17.97
C LYS B 130 -14.11 3.96 17.53
N ALA B 131 -15.30 3.63 18.04
CA ALA B 131 -16.50 4.38 17.70
C ALA B 131 -17.34 4.69 18.93
N LYS B 132 -18.10 5.78 18.86
CA LYS B 132 -18.95 6.17 19.95
C LYS B 132 -20.38 5.89 19.57
N VAL B 133 -21.04 5.05 20.36
CA VAL B 133 -22.42 4.68 20.11
C VAL B 133 -23.34 5.20 21.19
N ARG B 134 -24.35 5.96 20.81
CA ARG B 134 -25.27 6.50 21.78
C ARG B 134 -26.51 5.62 21.83
N VAL B 135 -26.70 4.90 22.93
CA VAL B 135 -27.86 4.05 23.02
C VAL B 135 -28.92 4.70 23.89
N MET B 136 -30.14 4.77 23.37
CA MET B 136 -31.26 5.37 24.09
C MET B 136 -32.27 4.31 24.44
N TYR B 137 -32.06 3.68 25.60
CA TYR B 137 -32.91 2.61 26.08
C TYR B 137 -34.02 3.21 26.89
N GLY B 138 -35.23 3.11 26.36
CA GLY B 138 -36.37 3.65 27.08
C GLY B 138 -36.15 5.09 27.49
N ASN B 139 -36.06 5.32 28.80
CA ASN B 139 -35.88 6.66 29.33
C ASN B 139 -34.46 6.90 29.82
N VAL B 140 -33.51 6.24 29.17
CA VAL B 140 -32.11 6.37 29.54
C VAL B 140 -31.23 6.50 28.32
N ASN B 141 -30.26 7.39 28.42
CA ASN B 141 -29.34 7.67 27.33
C ASN B 141 -27.92 7.53 27.80
N GLN B 142 -27.17 6.64 27.15
CA GLN B 142 -25.79 6.41 27.54
C GLN B 142 -24.91 6.21 26.32
N THR B 143 -23.66 6.65 26.41
CA THR B 143 -22.76 6.50 25.29
C THR B 143 -21.68 5.48 25.58
N VAL B 144 -21.54 4.52 24.70
CA VAL B 144 -20.57 3.48 24.89
C VAL B 144 -19.49 3.51 23.85
N ASP B 145 -18.29 3.09 24.24
CA ASP B 145 -17.18 3.05 23.30
C ASP B 145 -17.05 1.64 22.73
N VAL B 146 -16.82 1.54 21.42
CA VAL B 146 -16.67 0.24 20.81
C VAL B 146 -15.39 0.21 19.98
N TYR B 147 -14.65 -0.90 20.05
CA TYR B 147 -13.40 -1.01 19.27
C TYR B 147 -13.35 -2.19 18.28
N VAL B 148 -12.15 -2.45 17.78
CA VAL B 148 -11.96 -3.57 16.87
C VAL B 148 -11.06 -4.53 17.60
N ASN B 149 -10.18 -3.94 18.40
CA ASN B 149 -9.23 -4.70 19.18
C ASN B 149 -9.88 -5.13 20.45
N GLY B 150 -10.99 -5.85 20.30
CA GLY B 150 -11.70 -6.35 21.46
C GLY B 150 -13.15 -5.90 21.57
N ASP B 151 -13.93 -6.62 22.36
CA ASP B 151 -15.34 -6.29 22.55
C ASP B 151 -15.44 -5.37 23.75
N HIS B 152 -16.65 -5.20 24.25
CA HIS B 152 -16.88 -4.33 25.40
C HIS B 152 -18.26 -4.60 25.95
N ALA B 153 -18.28 -4.99 27.21
CA ALA B 153 -19.53 -5.30 27.89
C ALA B 153 -19.91 -4.16 28.80
N VAL B 154 -21.17 -3.77 28.75
CA VAL B 154 -21.62 -2.70 29.61
C VAL B 154 -23.05 -2.92 30.05
N THR B 155 -23.39 -2.43 31.23
CA THR B 155 -24.75 -2.59 31.72
C THR B 155 -25.48 -1.28 31.67
N ILE B 156 -26.57 -1.24 30.90
CA ILE B 156 -27.34 -0.02 30.78
C ILE B 156 -28.84 -0.25 30.90
N GLY B 157 -29.46 0.44 31.85
CA GLY B 157 -30.89 0.30 32.06
C GLY B 157 -31.24 -1.01 32.76
N GLY B 158 -30.26 -1.58 33.45
CA GLY B 158 -30.49 -2.82 34.15
C GLY B 158 -30.43 -3.99 33.18
N THR B 159 -30.00 -3.68 31.97
CA THR B 159 -29.90 -4.71 30.96
C THR B 159 -28.43 -4.83 30.57
N GLN B 160 -27.97 -6.03 30.30
CA GLN B 160 -26.57 -6.21 29.92
C GLN B 160 -26.37 -6.13 28.41
N PHE B 161 -25.41 -5.30 27.98
CA PHE B 161 -25.11 -5.11 26.57
C PHE B 161 -23.65 -5.49 26.28
N ILE B 162 -23.41 -6.07 25.12
CA ILE B 162 -22.06 -6.42 24.76
C ILE B 162 -21.88 -6.01 23.32
N PHE B 163 -21.08 -4.97 23.08
CA PHE B 163 -20.85 -4.51 21.71
C PHE B 163 -19.62 -5.17 21.11
N GLY B 164 -19.83 -6.34 20.51
CA GLY B 164 -18.75 -7.11 19.91
C GLY B 164 -17.85 -6.22 19.10
N PRO B 165 -16.64 -6.69 18.72
CA PRO B 165 -15.65 -5.97 17.94
C PRO B 165 -16.17 -5.52 16.61
N LEU B 166 -15.79 -4.32 16.19
CA LEU B 166 -16.22 -3.80 14.91
C LEU B 166 -15.81 -4.77 13.81
N SER B 167 -16.72 -5.06 12.88
CA SER B 167 -16.42 -5.98 11.80
C SER B 167 -15.03 -5.80 11.18
N SER B 168 -14.73 -4.59 10.71
CA SER B 168 -13.43 -4.35 10.12
C SER B 168 -12.90 -2.95 10.43
N ALA B 169 -11.72 -2.66 9.92
CA ALA B 169 -11.12 -1.36 10.16
C ALA B 169 -10.49 -0.86 8.88
N TRP B 170 -11.32 -0.22 8.07
CA TRP B 170 -10.91 0.36 6.79
C TRP B 170 -10.23 1.70 7.01
N THR B 171 -9.17 1.93 6.25
CA THR B 171 -8.42 3.16 6.35
C THR B 171 -8.21 3.80 4.99
N PRO B 172 -8.41 5.11 4.89
CA PRO B 172 -8.24 5.86 3.66
C PRO B 172 -6.80 6.31 3.50
N PHE B 173 -5.99 6.01 4.49
CA PHE B 173 -4.58 6.37 4.49
C PHE B 173 -3.69 5.27 3.93
N ASP B 174 -2.80 5.61 3.01
CA ASP B 174 -1.90 4.62 2.46
C ASP B 174 -0.80 4.33 3.44
N ASN B 175 0.20 3.55 3.06
CA ASN B 175 1.24 3.24 4.01
C ASN B 175 2.33 4.30 3.98
N LYS B 176 2.17 5.27 3.09
CA LYS B 176 3.13 6.36 3.01
C LYS B 176 2.36 7.60 2.72
N ILE B 177 2.34 8.53 3.68
CA ILE B 177 1.63 9.79 3.50
C ILE B 177 2.54 10.97 3.76
N VAL B 178 2.01 12.17 3.49
CA VAL B 178 2.74 13.41 3.69
C VAL B 178 1.80 14.45 4.26
N VAL B 179 2.15 14.94 5.44
CA VAL B 179 1.35 15.94 6.10
C VAL B 179 2.00 17.29 5.98
N TYR B 180 1.27 18.23 5.39
CA TYR B 180 1.80 19.56 5.22
C TYR B 180 1.30 20.50 6.29
N LYS B 181 0.17 21.16 6.06
CA LYS B 181 -0.27 22.05 7.11
C LYS B 181 -1.42 21.41 7.81
N ASP B 182 -2.59 21.60 7.22
CA ASP B 182 -3.83 21.06 7.71
C ASP B 182 -4.24 20.04 6.67
N GLU B 183 -3.38 19.86 5.68
CA GLU B 183 -3.62 18.93 4.57
C GLU B 183 -2.88 17.60 4.74
N VAL B 184 -3.41 16.54 4.13
CA VAL B 184 -2.78 15.24 4.19
C VAL B 184 -2.80 14.66 2.80
N PHE B 185 -1.68 14.09 2.38
CA PHE B 185 -1.59 13.53 1.04
C PHE B 185 -1.13 12.11 1.05
N ASN B 186 -1.56 11.36 0.05
CA ASN B 186 -1.14 9.99 -0.06
C ASN B 186 -0.03 9.99 -1.11
N GLN B 187 1.22 10.29 -0.75
CA GLN B 187 2.30 10.28 -1.76
C GLN B 187 3.39 9.22 -1.55
N ASP B 188 3.80 8.51 -2.60
CA ASP B 188 4.89 7.48 -2.53
C ASP B 188 6.20 8.30 -2.52
N PHE B 189 6.28 9.28 -1.61
CA PHE B 189 7.45 10.16 -1.47
C PHE B 189 8.76 9.43 -1.52
N PRO B 190 9.73 9.94 -2.27
CA PRO B 190 11.01 9.23 -2.33
C PRO B 190 11.55 8.93 -0.96
N PRO B 191 12.28 7.82 -0.81
CA PRO B 191 12.86 7.41 0.47
C PRO B 191 13.78 8.47 1.04
N TYR B 192 14.41 8.16 2.17
CA TYR B 192 15.27 9.14 2.79
C TYR B 192 16.40 9.63 1.89
N GLY B 193 17.53 8.95 1.91
CA GLY B 193 18.63 9.39 1.08
C GLY B 193 18.40 9.07 -0.38
N SER B 194 17.35 9.61 -0.96
CA SER B 194 17.12 9.28 -2.33
C SER B 194 16.43 10.40 -3.06
N GLY B 195 16.43 11.56 -2.44
CA GLY B 195 15.81 12.72 -3.02
C GLY B 195 16.43 13.11 -4.35
N GLN B 196 15.63 13.76 -5.18
CA GLN B 196 16.06 14.21 -6.50
C GLN B 196 15.89 15.72 -6.61
N PRO B 197 16.78 16.37 -7.38
CA PRO B 197 16.68 17.82 -7.56
C PRO B 197 15.38 18.27 -8.21
N GLY B 198 14.93 19.48 -7.84
CA GLY B 198 13.71 20.05 -8.40
C GLY B 198 12.47 19.18 -8.21
N ARG B 199 12.47 18.35 -7.19
CA ARG B 199 11.35 17.48 -6.95
C ARG B 199 11.17 17.38 -5.46
N PHE B 200 9.97 16.99 -5.02
CA PHE B 200 9.73 16.86 -3.59
C PHE B 200 10.84 16.05 -2.99
N GLY B 201 11.32 16.49 -1.84
CA GLY B 201 12.40 15.76 -1.19
C GLY B 201 13.77 16.24 -1.64
N ASP B 202 13.80 17.42 -2.25
CA ASP B 202 15.03 18.04 -2.73
C ASP B 202 16.10 17.87 -1.66
N ILE B 203 15.75 18.26 -0.46
CA ILE B 203 16.65 18.12 0.64
C ILE B 203 15.82 17.26 1.58
N GLN B 204 16.50 16.61 2.52
CA GLN B 204 15.81 15.75 3.48
C GLN B 204 16.53 15.65 4.81
N SER B 205 15.77 15.65 5.89
CA SER B 205 16.33 15.49 7.23
C SER B 205 15.26 14.92 8.12
N ARG B 206 15.67 14.13 9.10
CA ARG B 206 14.70 13.50 9.98
C ARG B 206 13.78 14.54 10.56
N THR B 207 14.35 15.57 11.15
CA THR B 207 13.52 16.59 11.74
C THR B 207 14.08 17.95 11.40
N VAL B 208 13.35 19.01 11.72
CA VAL B 208 13.82 20.36 11.43
C VAL B 208 15.13 20.69 12.14
N GLU B 209 15.22 20.32 13.41
CA GLU B 209 16.40 20.56 14.23
C GLU B 209 17.44 19.44 14.04
N SER B 210 17.10 18.48 13.19
CA SER B 210 17.98 17.33 12.91
C SER B 210 19.38 17.74 12.49
N ASN B 211 20.25 16.75 12.38
CA ASN B 211 21.60 17.05 11.99
C ASN B 211 22.06 16.00 11.01
N ASP B 212 21.15 15.57 10.15
CA ASP B 212 21.46 14.58 9.13
C ASP B 212 21.02 15.11 7.79
N LEU B 213 21.13 16.40 7.59
CA LEU B 213 20.67 16.98 6.34
C LEU B 213 21.23 16.33 5.11
N TYR B 214 20.34 15.97 4.20
CA TYR B 214 20.74 15.36 2.95
C TYR B 214 20.17 16.22 1.85
N ALA B 215 20.94 16.43 0.80
CA ALA B 215 20.45 17.25 -0.28
C ALA B 215 20.98 16.73 -1.59
N ASN B 216 20.36 17.17 -2.68
CA ASN B 216 20.75 16.75 -4.01
C ASN B 216 20.12 17.76 -4.93
N THR B 217 20.59 19.00 -4.85
CA THR B 217 20.05 20.08 -5.67
C THR B 217 20.76 20.27 -7.01
N ALA B 218 21.72 19.40 -7.30
CA ALA B 218 22.43 19.50 -8.57
C ALA B 218 23.20 20.81 -8.59
N LEU B 219 23.93 21.04 -7.51
CA LEU B 219 24.74 22.23 -7.35
C LEU B 219 25.94 22.04 -8.27
N LYS B 220 26.11 22.94 -9.23
CA LYS B 220 27.26 22.86 -10.14
C LYS B 220 28.09 24.16 -10.13
N LEU B 221 29.39 24.01 -9.81
CA LEU B 221 30.33 25.14 -9.76
C LEU B 221 30.76 25.59 -11.15
N ALA B 222 30.54 26.88 -11.42
CA ALA B 222 30.89 27.50 -12.69
C ALA B 222 32.18 28.29 -12.53
N ARG B 223 32.90 28.46 -13.64
CA ARG B 223 34.17 29.19 -13.68
C ARG B 223 33.95 30.70 -13.58
N PRO B 224 34.75 31.35 -12.72
CA PRO B 224 34.61 32.80 -12.54
C PRO B 224 34.66 33.65 -13.82
N SER B 225 33.90 34.74 -13.78
CA SER B 225 33.82 35.67 -14.89
C SER B 225 34.72 36.88 -14.61
N PRO B 226 35.70 37.16 -15.50
CA PRO B 226 36.61 38.31 -15.31
C PRO B 226 35.91 39.58 -14.79
N GLY B 227 36.57 40.26 -13.85
CA GLY B 227 36.00 41.48 -13.27
C GLY B 227 36.07 41.58 -11.75
N MET B 228 34.99 41.19 -11.09
CA MET B 228 34.93 41.20 -9.63
C MET B 228 34.81 39.74 -9.18
N VAL B 229 35.83 39.19 -8.51
CA VAL B 229 35.75 37.78 -8.10
C VAL B 229 34.51 37.48 -7.24
N HIS B 230 33.83 36.40 -7.62
CA HIS B 230 32.61 35.91 -6.97
C HIS B 230 32.50 34.42 -7.26
N VAL B 231 31.42 33.78 -6.81
CA VAL B 231 31.30 32.35 -7.07
C VAL B 231 30.07 31.99 -7.88
N PRO B 232 30.26 31.73 -9.17
CA PRO B 232 29.18 31.37 -10.09
C PRO B 232 28.89 29.88 -9.95
N TYR B 233 27.61 29.54 -10.15
CA TYR B 233 27.15 28.15 -10.06
C TYR B 233 25.74 27.99 -10.59
N THR B 234 25.42 26.76 -10.98
CA THR B 234 24.08 26.42 -11.45
C THR B 234 23.40 25.48 -10.44
N GLN B 235 22.09 25.64 -10.30
CA GLN B 235 21.35 24.82 -9.38
C GLN B 235 20.01 24.39 -9.96
N THR B 236 19.03 24.18 -9.09
CA THR B 236 17.73 23.77 -9.54
C THR B 236 16.77 24.29 -8.50
N PRO B 237 15.93 25.26 -8.88
CA PRO B 237 14.97 25.85 -7.94
C PRO B 237 14.31 24.87 -6.99
N SER B 238 14.24 25.26 -5.71
CA SER B 238 13.65 24.44 -4.66
C SER B 238 12.54 23.51 -5.09
N GLY B 239 12.84 22.21 -5.09
CA GLY B 239 11.82 21.25 -5.46
C GLY B 239 10.59 21.48 -4.60
N PHE B 240 10.82 21.80 -3.34
CA PHE B 240 9.71 22.03 -2.43
C PHE B 240 8.74 23.03 -3.00
N LYS B 241 9.27 24.13 -3.53
CA LYS B 241 8.40 25.13 -4.12
C LYS B 241 7.65 24.47 -5.26
N TYR B 242 8.37 23.72 -6.09
CA TYR B 242 7.72 23.04 -7.20
C TYR B 242 6.59 22.15 -6.72
N TRP B 243 6.84 21.39 -5.66
CA TRP B 243 5.82 20.50 -5.14
C TRP B 243 4.56 21.25 -4.79
N LEU B 244 4.73 22.39 -4.15
CA LEU B 244 3.59 23.19 -3.77
C LEU B 244 2.63 23.40 -4.93
N LYS B 245 3.15 23.70 -6.11
CA LYS B 245 2.28 23.91 -7.27
C LYS B 245 1.76 22.60 -7.83
N GLU B 246 2.58 21.57 -7.79
CA GLU B 246 2.22 20.26 -8.33
C GLU B 246 1.15 19.51 -7.51
N LYS B 247 1.55 19.00 -6.35
CA LYS B 247 0.68 18.25 -5.44
C LYS B 247 -0.77 18.60 -5.63
N GLY B 248 -1.55 17.66 -6.15
CA GLY B 248 -2.95 17.97 -6.37
C GLY B 248 -3.75 18.35 -5.13
N THR B 249 -4.98 17.90 -5.13
CA THR B 249 -5.90 18.13 -4.04
C THR B 249 -5.51 17.18 -2.93
N ALA B 250 -5.83 17.54 -1.69
CA ALA B 250 -5.51 16.68 -0.56
C ALA B 250 -6.53 15.58 -0.37
N LEU B 251 -6.20 14.64 0.51
CA LEU B 251 -7.08 13.54 0.80
C LEU B 251 -8.28 14.13 1.49
N ASN B 252 -8.06 15.20 2.22
CA ASN B 252 -9.12 15.86 2.96
C ASN B 252 -10.44 15.96 2.26
N THR B 253 -10.43 15.91 0.93
CA THR B 253 -11.67 15.98 0.17
C THR B 253 -11.81 14.91 -0.89
N LYS B 254 -10.96 13.91 -0.81
CA LYS B 254 -11.05 12.85 -1.78
C LYS B 254 -11.25 11.54 -1.04
N ALA B 255 -11.39 11.62 0.28
CA ALA B 255 -11.57 10.44 1.08
C ALA B 255 -12.88 9.72 0.73
N PRO B 256 -12.79 8.44 0.40
CA PRO B 256 -13.94 7.62 0.04
C PRO B 256 -14.81 7.32 1.24
N PHE B 257 -15.91 6.63 0.97
CA PHE B 257 -16.84 6.24 2.00
C PHE B 257 -17.22 7.34 3.01
N GLY B 258 -17.33 8.56 2.53
CA GLY B 258 -17.70 9.68 3.39
C GLY B 258 -16.76 9.95 4.55
N CYS B 259 -15.61 9.30 4.50
CA CYS B 259 -14.61 9.46 5.52
C CYS B 259 -14.15 10.93 5.57
N GLN B 260 -13.93 11.46 6.78
CA GLN B 260 -13.51 12.87 6.96
C GLN B 260 -12.11 12.91 7.54
N ILE B 261 -11.19 13.63 6.92
CA ILE B 261 -9.83 13.69 7.45
C ILE B 261 -9.58 14.82 8.44
N LYS B 262 -8.75 14.59 9.44
CA LYS B 262 -8.42 15.63 10.39
C LYS B 262 -6.92 15.69 10.56
N THR B 263 -6.39 16.83 11.01
CA THR B 263 -4.94 16.96 11.07
C THR B 263 -4.12 16.97 12.32
N ASN B 264 -4.64 17.51 13.41
CA ASN B 264 -3.77 17.56 14.56
C ASN B 264 -3.26 16.19 14.94
N PRO B 265 -4.14 15.32 15.44
CA PRO B 265 -3.58 14.02 15.78
C PRO B 265 -3.50 13.15 14.54
N VAL B 266 -4.13 13.58 13.44
CA VAL B 266 -4.11 12.84 12.18
C VAL B 266 -4.93 11.59 12.19
N ARG B 267 -6.17 11.69 11.74
CA ARG B 267 -7.03 10.54 11.76
C ARG B 267 -8.15 10.66 10.76
N ALA B 268 -8.91 9.59 10.60
CA ALA B 268 -10.02 9.58 9.69
C ALA B 268 -11.26 9.46 10.53
N MET B 269 -12.26 10.31 10.29
CA MET B 269 -13.47 10.26 11.08
C MET B 269 -14.71 9.76 10.33
N ASN B 270 -15.67 9.25 11.08
CA ASN B 270 -16.95 8.75 10.56
C ASN B 270 -16.91 7.91 9.32
N CYS B 271 -15.76 7.28 9.11
CA CYS B 271 -15.57 6.41 7.97
C CYS B 271 -16.68 5.37 8.00
N ALA B 272 -17.46 5.29 6.93
CA ALA B 272 -18.59 4.38 6.90
C ALA B 272 -18.41 3.02 6.28
N VAL B 273 -17.79 2.13 7.02
CA VAL B 273 -17.55 0.79 6.50
C VAL B 273 -17.68 -0.24 7.59
N GLY B 274 -18.58 -1.21 7.40
CA GLY B 274 -18.71 -2.25 8.40
C GLY B 274 -19.98 -2.29 9.23
N ASN B 275 -19.94 -3.06 10.31
CA ASN B 275 -21.08 -3.21 11.19
C ASN B 275 -20.60 -3.40 12.62
N ILE B 276 -21.51 -3.17 13.55
CA ILE B 276 -21.20 -3.30 14.96
C ILE B 276 -22.24 -4.23 15.56
N PRO B 277 -21.83 -5.43 15.95
CA PRO B 277 -22.69 -6.44 16.57
C PRO B 277 -22.96 -6.21 18.05
N VAL B 278 -24.18 -6.45 18.50
CA VAL B 278 -24.51 -6.25 19.90
C VAL B 278 -25.32 -7.43 20.42
N SER B 279 -25.53 -7.51 21.73
CA SER B 279 -26.30 -8.60 22.31
C SER B 279 -26.81 -8.19 23.68
N MET B 280 -27.99 -8.67 24.05
CA MET B 280 -28.57 -8.33 25.35
C MET B 280 -29.26 -9.52 26.03
N ASN B 281 -29.91 -9.25 27.18
CA ASN B 281 -30.64 -10.28 27.96
C ASN B 281 -32.12 -10.20 27.65
N LEU B 282 -32.50 -10.63 26.45
CA LEU B 282 -33.88 -10.55 26.04
C LEU B 282 -34.14 -11.54 24.93
N PRO B 283 -35.29 -12.21 24.95
CA PRO B 283 -35.63 -13.18 23.89
C PRO B 283 -35.91 -12.49 22.54
N ASP B 284 -35.61 -13.17 21.44
CA ASP B 284 -35.83 -12.63 20.09
C ASP B 284 -37.32 -12.42 19.90
N SER B 285 -38.07 -12.82 20.93
CA SER B 285 -39.52 -12.70 20.99
C SER B 285 -39.96 -11.28 21.37
N ALA B 286 -39.36 -10.74 22.43
CA ALA B 286 -39.71 -9.40 22.83
C ALA B 286 -39.19 -8.39 21.81
N PHE B 287 -38.18 -8.78 21.04
CA PHE B 287 -37.60 -7.88 20.04
C PHE B 287 -38.38 -7.73 18.71
N THR B 288 -38.43 -6.52 18.16
CA THR B 288 -39.16 -6.30 16.92
C THR B 288 -38.58 -5.05 16.31
N ARG B 289 -37.88 -5.17 15.19
CA ARG B 289 -37.28 -3.96 14.64
C ARG B 289 -38.22 -3.03 13.93
N ILE B 290 -37.88 -1.76 14.00
CA ILE B 290 -38.63 -0.66 13.42
C ILE B 290 -37.79 0.02 12.34
N VAL B 291 -38.38 0.20 11.17
CA VAL B 291 -37.67 0.84 10.07
C VAL B 291 -38.50 1.91 9.42
N GLU B 292 -38.39 3.13 9.92
CA GLU B 292 -39.16 4.24 9.39
C GLU B 292 -38.28 5.22 8.62
N ALA B 293 -38.23 5.02 7.31
CA ALA B 293 -37.43 5.89 6.45
C ALA B 293 -38.27 6.89 5.69
N PRO B 294 -37.71 8.07 5.46
CA PRO B 294 -38.40 9.14 4.74
C PRO B 294 -38.76 8.71 3.32
N THR B 295 -40.06 8.67 3.01
CA THR B 295 -40.46 8.27 1.67
C THR B 295 -40.27 9.40 0.68
N ILE B 296 -39.46 9.17 -0.36
CA ILE B 296 -39.26 10.23 -1.34
C ILE B 296 -39.66 9.82 -2.76
N ILE B 297 -40.12 10.79 -3.54
CA ILE B 297 -40.53 10.56 -4.92
C ILE B 297 -40.19 11.73 -5.83
N ASP B 298 -40.34 11.48 -7.14
CA ASP B 298 -40.02 12.48 -8.16
C ASP B 298 -38.53 12.78 -8.11
N LEU B 299 -37.73 11.72 -8.16
CA LEU B 299 -36.30 11.89 -8.10
C LEU B 299 -35.78 12.43 -9.42
N THR B 300 -34.75 13.26 -9.35
CA THR B 300 -34.17 13.82 -10.56
C THR B 300 -32.69 14.15 -10.43
N CYS B 301 -31.89 13.55 -11.29
CA CYS B 301 -30.44 13.75 -11.29
C CYS B 301 -30.01 14.81 -12.26
N THR B 302 -28.99 15.57 -11.88
CA THR B 302 -28.49 16.65 -12.74
C THR B 302 -26.99 16.88 -12.48
N VAL B 303 -26.17 16.50 -13.44
CA VAL B 303 -24.74 16.67 -13.23
C VAL B 303 -24.23 18.02 -13.68
N ALA B 304 -23.71 18.81 -12.75
CA ALA B 304 -23.19 20.14 -13.09
C ALA B 304 -21.87 20.01 -13.82
N THR B 305 -20.82 19.89 -13.04
CA THR B 305 -19.50 19.73 -13.61
C THR B 305 -19.01 18.34 -13.31
N CYS B 306 -18.09 17.88 -14.16
CA CYS B 306 -17.50 16.57 -14.06
C CYS B 306 -16.14 16.44 -14.72
N THR B 307 -15.19 15.87 -13.99
CA THR B 307 -13.86 15.65 -14.52
C THR B 307 -13.60 14.15 -14.62
N HIS B 308 -13.01 13.79 -15.75
CA HIS B 308 -12.65 12.42 -16.15
C HIS B 308 -12.13 11.50 -15.06
N SER B 309 -10.91 11.03 -15.25
CA SER B 309 -10.28 10.11 -14.33
C SER B 309 -9.58 10.79 -13.13
N SER B 310 -10.37 11.22 -12.15
CA SER B 310 -9.84 11.90 -10.97
C SER B 310 -10.78 11.68 -9.79
N ASP B 311 -10.21 11.27 -8.67
CA ASP B 311 -10.95 11.01 -7.44
C ASP B 311 -12.09 11.99 -7.19
N PHE B 312 -13.30 11.50 -7.47
CA PHE B 312 -14.53 12.22 -7.33
C PHE B 312 -14.52 13.59 -7.99
N GLY B 313 -14.37 13.58 -9.31
CA GLY B 313 -14.33 14.82 -10.05
C GLY B 313 -15.70 15.29 -10.53
N GLY B 314 -16.74 14.52 -10.22
CA GLY B 314 -18.06 14.90 -10.67
C GLY B 314 -18.92 15.38 -9.53
N VAL B 315 -19.97 16.11 -9.87
CA VAL B 315 -20.89 16.65 -8.88
C VAL B 315 -22.35 16.50 -9.32
N LEU B 316 -23.06 15.61 -8.62
CA LEU B 316 -24.46 15.35 -8.93
C LEU B 316 -25.35 16.16 -8.03
N THR B 317 -26.55 16.45 -8.49
CA THR B 317 -27.49 17.20 -7.68
C THR B 317 -28.85 16.58 -7.84
N LEU B 318 -29.43 16.12 -6.74
CA LEU B 318 -30.72 15.50 -6.83
C LEU B 318 -31.86 16.37 -6.36
N THR B 319 -32.90 16.49 -7.18
CA THR B 319 -34.06 17.28 -6.80
C THR B 319 -35.11 16.25 -6.43
N TYR B 320 -36.01 16.60 -5.53
CA TYR B 320 -37.00 15.62 -5.11
C TYR B 320 -38.11 16.20 -4.23
N LYS B 321 -38.94 15.29 -3.72
CA LYS B 321 -40.03 15.63 -2.82
C LYS B 321 -40.06 14.60 -1.69
N THR B 322 -40.06 15.08 -0.47
CA THR B 322 -40.11 14.20 0.67
C THR B 322 -41.42 14.37 1.44
N ASN B 323 -41.71 13.40 2.29
CA ASN B 323 -42.90 13.46 3.12
C ASN B 323 -42.52 13.89 4.55
N LYS B 324 -41.27 13.63 4.94
CA LYS B 324 -40.78 13.98 6.28
C LYS B 324 -39.28 14.25 6.24
N ASN B 325 -38.82 15.38 6.78
CA ASN B 325 -37.38 15.66 6.76
C ASN B 325 -36.68 14.55 7.55
N GLY B 326 -35.61 13.97 6.97
CA GLY B 326 -34.90 12.89 7.63
C GLY B 326 -33.45 12.72 7.19
N ASP B 327 -33.01 11.47 7.08
CA ASP B 327 -31.64 11.13 6.69
C ASP B 327 -31.65 9.84 5.86
N CYS B 328 -31.40 9.98 4.56
CA CYS B 328 -31.37 8.84 3.66
C CYS B 328 -30.00 8.31 3.26
N SER B 329 -30.01 7.15 2.63
CA SER B 329 -28.78 6.53 2.19
C SER B 329 -28.65 6.70 0.68
N VAL B 330 -27.43 6.96 0.22
CA VAL B 330 -27.18 7.13 -1.20
C VAL B 330 -26.31 6.03 -1.76
N HIS B 331 -26.67 5.56 -2.94
CA HIS B 331 -25.96 4.49 -3.57
C HIS B 331 -25.93 4.62 -5.08
N SER B 332 -25.05 3.84 -5.70
CA SER B 332 -24.90 3.81 -7.14
C SER B 332 -25.05 2.37 -7.63
N HIS B 333 -26.00 2.13 -8.52
CA HIS B 333 -26.21 0.78 -9.00
C HIS B 333 -25.51 0.50 -10.32
N SER B 334 -24.49 1.29 -10.62
CA SER B 334 -23.74 1.12 -11.86
C SER B 334 -22.25 1.17 -11.57
N ASN B 335 -21.56 0.05 -11.75
CA ASN B 335 -20.13 0.02 -11.48
C ASN B 335 -19.32 1.09 -12.21
N VAL B 336 -19.95 1.77 -13.16
CA VAL B 336 -19.24 2.79 -13.91
C VAL B 336 -19.14 4.10 -13.16
N ALA B 337 -19.75 4.18 -11.99
CA ALA B 337 -19.72 5.39 -11.19
C ALA B 337 -19.79 5.07 -9.69
N THR B 338 -19.01 5.82 -8.92
CA THR B 338 -18.98 5.61 -7.48
C THR B 338 -19.27 6.89 -6.74
N LEU B 339 -20.02 6.77 -5.64
CA LEU B 339 -20.41 7.91 -4.80
C LEU B 339 -19.47 8.10 -3.63
N GLN B 340 -19.08 9.34 -3.37
CA GLN B 340 -18.19 9.60 -2.26
C GLN B 340 -18.91 9.39 -0.93
N GLU B 341 -19.88 10.25 -0.61
CA GLU B 341 -20.63 10.11 0.62
C GLU B 341 -21.50 8.88 0.59
N ALA B 342 -21.92 8.41 1.74
CA ALA B 342 -22.73 7.22 1.76
C ALA B 342 -24.07 7.52 2.41
N THR B 343 -24.34 8.80 2.57
CA THR B 343 -25.59 9.21 3.17
C THR B 343 -25.79 10.68 2.92
N ALA B 344 -27.02 11.13 3.05
CA ALA B 344 -27.35 12.54 2.86
C ALA B 344 -28.63 12.90 3.58
N LYS B 345 -28.66 14.09 4.17
CA LYS B 345 -29.86 14.49 4.89
C LYS B 345 -30.93 14.97 3.93
N VAL B 346 -32.15 14.49 4.15
CA VAL B 346 -33.24 14.88 3.28
C VAL B 346 -34.14 15.92 3.89
N LYS B 347 -34.00 17.14 3.38
CA LYS B 347 -34.78 18.30 3.82
C LYS B 347 -35.96 18.48 2.86
N THR B 348 -37.01 19.10 3.35
CA THR B 348 -38.22 19.34 2.55
C THR B 348 -37.97 20.38 1.43
N ALA B 349 -36.80 21.01 1.49
CA ALA B 349 -36.39 21.98 0.50
C ALA B 349 -36.34 21.27 -0.86
N GLY B 350 -35.72 20.07 -0.87
CA GLY B 350 -35.61 19.29 -2.10
C GLY B 350 -34.29 19.33 -2.84
N LYS B 351 -33.22 19.71 -2.15
CA LYS B 351 -31.88 19.82 -2.74
C LYS B 351 -30.80 18.99 -2.07
N VAL B 352 -30.18 18.08 -2.83
CA VAL B 352 -29.12 17.21 -2.31
C VAL B 352 -27.95 17.16 -3.27
N THR B 353 -26.77 17.48 -2.76
CA THR B 353 -25.58 17.49 -3.58
C THR B 353 -24.67 16.31 -3.23
N LEU B 354 -24.19 15.59 -4.23
CA LEU B 354 -23.29 14.46 -4.03
C LEU B 354 -22.12 14.51 -4.98
N HIS B 355 -21.00 13.97 -4.55
CA HIS B 355 -19.82 13.91 -5.39
C HIS B 355 -19.67 12.50 -5.88
N PHE B 356 -19.49 12.33 -7.18
CA PHE B 356 -19.33 11.00 -7.72
C PHE B 356 -18.01 10.90 -8.45
N SER B 357 -17.64 9.69 -8.81
CA SER B 357 -16.38 9.47 -9.52
C SER B 357 -16.47 8.38 -10.59
N THR B 358 -15.86 8.64 -11.72
CA THR B 358 -15.88 7.66 -12.77
C THR B 358 -14.71 7.90 -13.66
N ALA B 359 -14.36 6.90 -14.44
CA ALA B 359 -13.23 7.06 -15.31
C ALA B 359 -13.66 7.03 -16.74
N SER B 360 -14.96 7.16 -16.96
CA SER B 360 -15.50 7.11 -18.30
C SER B 360 -16.15 8.39 -18.75
N ALA B 361 -15.52 9.10 -19.67
CA ALA B 361 -16.10 10.33 -20.18
C ALA B 361 -17.45 9.94 -20.74
N SER B 362 -18.51 10.67 -20.41
CA SER B 362 -19.86 10.32 -20.94
C SER B 362 -20.42 9.00 -20.38
N PRO B 363 -20.55 8.91 -19.04
CA PRO B 363 -21.07 7.77 -18.29
C PRO B 363 -22.57 7.89 -18.03
N SER B 364 -23.22 6.76 -17.81
CA SER B 364 -24.64 6.80 -17.53
C SER B 364 -25.01 5.88 -16.39
N PHE B 365 -24.97 6.43 -15.19
CA PHE B 365 -25.27 5.67 -13.98
C PHE B 365 -26.60 6.00 -13.34
N VAL B 366 -26.97 5.20 -12.35
CA VAL B 366 -28.22 5.39 -11.64
C VAL B 366 -27.98 5.54 -10.15
N VAL B 367 -28.18 6.75 -9.65
CA VAL B 367 -28.00 7.04 -8.24
C VAL B 367 -29.26 6.68 -7.49
N SER B 368 -29.18 6.56 -6.18
CA SER B 368 -30.36 6.25 -5.40
C SER B 368 -30.46 7.04 -4.12
N LEU B 369 -31.68 7.38 -3.74
CA LEU B 369 -31.93 8.13 -2.53
C LEU B 369 -32.97 7.36 -1.75
N CYS B 370 -32.49 6.56 -0.80
CA CYS B 370 -33.34 5.71 -0.01
C CYS B 370 -33.89 4.66 -0.95
N SER B 371 -35.20 4.66 -1.14
CA SER B 371 -35.82 3.67 -2.03
C SER B 371 -36.11 4.17 -3.43
N ALA B 372 -35.76 5.42 -3.70
CA ALA B 372 -36.03 6.01 -5.01
C ALA B 372 -34.82 5.99 -5.93
N ARG B 373 -35.04 5.75 -7.22
CA ARG B 373 -33.92 5.74 -8.15
C ARG B 373 -34.06 6.82 -9.22
N ALA B 374 -32.95 7.13 -9.86
CA ALA B 374 -32.94 8.14 -10.92
C ALA B 374 -31.68 8.00 -11.75
N THR B 375 -31.79 8.29 -13.05
CA THR B 375 -30.65 8.17 -13.93
C THR B 375 -29.85 9.45 -14.05
N CYS B 376 -28.56 9.31 -14.27
CA CYS B 376 -27.69 10.47 -14.42
C CYS B 376 -26.90 10.31 -15.70
N SER B 377 -26.91 11.36 -16.51
CA SER B 377 -26.20 11.33 -17.76
C SER B 377 -25.37 12.59 -17.83
N ALA B 378 -24.07 12.42 -18.09
CA ALA B 378 -23.20 13.59 -18.18
C ALA B 378 -21.99 13.34 -19.05
N SER B 379 -21.33 14.42 -19.47
CA SER B 379 -20.13 14.30 -20.29
C SER B 379 -18.98 15.00 -19.53
N CYS B 380 -17.93 14.24 -19.23
CA CYS B 380 -16.78 14.76 -18.46
C CYS B 380 -15.55 15.14 -19.27
N GLU B 381 -14.76 16.07 -18.76
CA GLU B 381 -13.54 16.51 -19.44
C GLU B 381 -12.35 15.80 -18.79
N PRO B 382 -11.31 15.45 -19.57
CA PRO B 382 -10.12 14.76 -19.06
C PRO B 382 -9.45 15.61 -18.00
N PRO B 383 -8.61 14.99 -17.15
CA PRO B 383 -7.87 15.63 -16.06
C PRO B 383 -6.94 16.74 -16.50
N LYS B 384 -6.76 17.70 -15.61
CA LYS B 384 -5.90 18.85 -15.89
C LYS B 384 -4.49 18.43 -16.31
N ASP B 385 -3.80 19.31 -17.03
CA ASP B 385 -2.44 19.03 -17.44
C ASP B 385 -1.55 19.15 -16.22
N HIS B 386 -0.47 18.37 -16.20
CA HIS B 386 0.46 18.41 -15.09
C HIS B 386 1.27 19.70 -15.16
N ILE B 387 2.18 19.90 -14.21
CA ILE B 387 3.02 21.09 -14.24
C ILE B 387 4.46 20.66 -14.52
N VAL B 388 4.79 20.58 -15.80
CA VAL B 388 6.12 20.18 -16.23
C VAL B 388 7.15 20.90 -15.40
N PRO B 389 8.13 20.14 -14.89
CA PRO B 389 9.22 20.67 -14.07
C PRO B 389 10.34 21.27 -14.92
N TYR B 390 11.47 21.57 -14.28
CA TYR B 390 12.58 22.17 -14.97
C TYR B 390 12.98 21.32 -16.18
N ALA B 391 12.52 21.76 -17.36
CA ALA B 391 12.82 21.08 -18.65
C ALA B 391 14.27 21.36 -19.17
N TYR C 1 -34.02 -25.20 15.63
CA TYR C 1 -33.54 -24.01 16.41
C TYR C 1 -32.15 -23.64 15.98
N GLU C 2 -31.95 -22.33 15.85
CA GLU C 2 -30.68 -21.78 15.43
C GLU C 2 -30.50 -20.48 16.16
N HIS C 3 -29.48 -20.44 17.02
CA HIS C 3 -29.16 -19.23 17.77
C HIS C 3 -27.85 -18.71 17.21
N SER C 4 -27.79 -17.43 16.90
CA SER C 4 -26.59 -16.85 16.32
C SER C 4 -25.88 -15.95 17.30
N THR C 5 -24.55 -15.89 17.20
CA THR C 5 -23.77 -15.07 18.12
C THR C 5 -22.52 -14.63 17.42
N VAL C 6 -21.61 -14.06 18.19
CA VAL C 6 -20.36 -13.60 17.63
C VAL C 6 -19.37 -13.35 18.74
N MET C 7 -18.19 -13.93 18.60
CA MET C 7 -17.14 -13.79 19.61
C MET C 7 -16.03 -12.96 19.03
N PRO C 8 -15.27 -12.32 19.89
CA PRO C 8 -14.15 -11.48 19.48
C PRO C 8 -13.00 -12.30 18.92
N ASN C 9 -12.30 -11.72 17.96
CA ASN C 9 -11.18 -12.37 17.33
C ASN C 9 -9.88 -12.06 18.05
N VAL C 10 -9.87 -12.25 19.36
CA VAL C 10 -8.69 -11.97 20.13
C VAL C 10 -8.29 -13.20 20.91
N VAL C 11 -7.03 -13.58 20.76
CA VAL C 11 -6.53 -14.76 21.45
C VAL C 11 -6.43 -14.49 22.92
N GLY C 12 -7.27 -15.18 23.70
CA GLY C 12 -7.25 -14.99 25.12
C GLY C 12 -8.63 -14.72 25.65
N PHE C 13 -9.09 -13.46 25.56
CA PHE C 13 -10.43 -13.09 26.04
C PHE C 13 -11.39 -14.15 25.48
N PRO C 14 -12.02 -14.94 26.37
CA PRO C 14 -12.95 -15.99 25.97
C PRO C 14 -14.41 -15.58 25.84
N TYR C 15 -15.22 -16.54 25.42
CA TYR C 15 -16.65 -16.37 25.27
C TYR C 15 -17.19 -17.42 26.23
N LYS C 16 -18.07 -17.04 27.15
CA LYS C 16 -18.59 -18.02 28.09
C LYS C 16 -20.10 -17.90 28.24
N ALA C 17 -20.82 -18.91 27.74
CA ALA C 17 -22.27 -18.90 27.84
C ALA C 17 -22.74 -19.97 28.80
N HIS C 18 -23.91 -19.77 29.39
CA HIS C 18 -24.44 -20.71 30.36
C HIS C 18 -25.71 -21.30 29.77
N ILE C 19 -25.55 -22.35 28.96
CA ILE C 19 -26.69 -22.97 28.32
C ILE C 19 -27.55 -23.80 29.24
N GLU C 20 -28.67 -23.21 29.69
CA GLU C 20 -29.61 -23.88 30.60
C GLU C 20 -30.80 -24.49 29.86
N ARG C 21 -30.53 -25.58 29.13
CA ARG C 21 -31.57 -26.29 28.36
C ARG C 21 -32.54 -27.07 29.27
N PRO C 22 -33.84 -26.64 29.38
CA PRO C 22 -34.84 -27.36 30.21
C PRO C 22 -34.89 -28.85 29.78
N GLY C 23 -34.20 -29.67 30.57
CA GLY C 23 -34.09 -31.11 30.34
C GLY C 23 -33.45 -31.71 31.59
N TYR C 24 -32.26 -31.17 31.94
CA TYR C 24 -31.47 -31.59 33.13
C TYR C 24 -30.28 -30.69 33.44
N SER C 25 -29.13 -31.36 33.65
CA SER C 25 -27.83 -30.74 33.95
C SER C 25 -27.55 -29.51 33.05
N PRO C 26 -27.29 -28.32 33.67
CA PRO C 26 -27.00 -27.12 32.86
C PRO C 26 -25.56 -27.18 32.28
N LEU C 27 -25.45 -26.91 30.97
CA LEU C 27 -24.18 -26.94 30.26
C LEU C 27 -23.48 -25.60 30.29
N THR C 28 -22.15 -25.64 30.32
CA THR C 28 -21.37 -24.43 30.35
C THR C 28 -20.47 -24.39 29.13
N LEU C 29 -20.97 -23.75 28.08
CA LEU C 29 -20.23 -23.61 26.82
C LEU C 29 -19.17 -22.55 26.94
N GLN C 30 -18.01 -22.79 26.34
CA GLN C 30 -16.95 -21.81 26.39
C GLN C 30 -15.99 -22.04 25.24
N MET C 31 -15.96 -21.08 24.32
CA MET C 31 -15.09 -21.16 23.15
C MET C 31 -14.25 -19.91 23.06
N GLN C 32 -12.96 -20.09 22.81
CA GLN C 32 -12.08 -18.96 22.68
C GLN C 32 -11.02 -19.23 21.63
N VAL C 33 -10.52 -18.17 21.04
CA VAL C 33 -9.51 -18.28 19.99
C VAL C 33 -8.19 -18.56 20.64
N VAL C 34 -7.37 -19.36 19.99
CA VAL C 34 -6.06 -19.66 20.55
C VAL C 34 -4.89 -19.33 19.62
N GLU C 35 -5.20 -19.00 18.36
CA GLU C 35 -4.17 -18.73 17.36
C GLU C 35 -4.75 -18.03 16.16
N THR C 36 -3.91 -17.39 15.37
CA THR C 36 -4.41 -16.70 14.19
C THR C 36 -3.27 -16.60 13.23
N SER C 37 -3.47 -17.14 12.03
CA SER C 37 -2.41 -17.15 11.02
C SER C 37 -2.83 -16.48 9.72
N LEU C 38 -2.13 -15.39 9.40
CA LEU C 38 -2.40 -14.66 8.18
C LEU C 38 -1.16 -14.72 7.32
N GLU C 39 -1.17 -15.59 6.30
CA GLU C 39 0.00 -15.71 5.45
C GLU C 39 -0.20 -14.97 4.15
N PRO C 40 0.80 -14.21 3.72
CA PRO C 40 0.68 -13.47 2.48
C PRO C 40 1.26 -14.28 1.31
N THR C 41 1.08 -13.80 0.08
CA THR C 41 1.61 -14.50 -1.08
C THR C 41 2.85 -13.78 -1.57
N LEU C 42 3.99 -14.09 -0.99
CA LEU C 42 5.22 -13.45 -1.39
C LEU C 42 5.55 -13.74 -2.85
N ASN C 43 5.85 -12.69 -3.60
CA ASN C 43 6.23 -12.86 -4.99
C ASN C 43 7.62 -12.24 -5.12
N LEU C 44 8.64 -13.06 -4.83
CA LEU C 44 10.03 -12.61 -4.87
C LEU C 44 10.31 -11.70 -6.06
N GLU C 45 10.71 -10.47 -5.77
CA GLU C 45 11.02 -9.56 -6.85
C GLU C 45 12.51 -9.65 -7.14
N TYR C 46 13.35 -9.56 -6.11
CA TYR C 46 14.79 -9.68 -6.31
C TYR C 46 15.50 -9.70 -4.98
N ILE C 47 16.78 -10.06 -5.00
CA ILE C 47 17.54 -10.05 -3.77
C ILE C 47 18.82 -9.24 -3.97
N THR C 48 19.32 -8.69 -2.88
CA THR C 48 20.54 -7.91 -2.93
C THR C 48 21.46 -8.33 -1.80
N CYS C 49 22.74 -8.00 -1.95
CA CYS C 49 23.78 -8.35 -0.99
C CYS C 49 25.09 -7.63 -1.29
N GLU C 50 26.08 -7.78 -0.42
CA GLU C 50 27.36 -7.13 -0.64
C GLU C 50 27.87 -7.46 -2.03
N TYR C 51 28.39 -6.46 -2.73
CA TYR C 51 28.90 -6.73 -4.06
C TYR C 51 30.38 -6.97 -4.01
N LYS C 52 30.91 -7.44 -5.13
CA LYS C 52 32.34 -7.73 -5.31
C LYS C 52 32.81 -7.11 -6.63
N THR C 53 33.83 -6.26 -6.56
CA THR C 53 34.33 -5.63 -7.76
C THR C 53 35.26 -6.59 -8.51
N VAL C 54 35.27 -6.47 -9.83
CA VAL C 54 36.14 -7.30 -10.65
C VAL C 54 36.87 -6.50 -11.70
N VAL C 55 38.18 -6.70 -11.72
CA VAL C 55 39.06 -6.05 -12.68
C VAL C 55 39.93 -7.05 -13.45
N PRO C 56 39.65 -7.20 -14.75
CA PRO C 56 40.40 -8.12 -15.59
C PRO C 56 41.87 -7.69 -15.71
N SER C 57 42.63 -8.46 -16.49
CA SER C 57 44.05 -8.18 -16.74
C SER C 57 44.13 -6.90 -17.55
N PRO C 58 44.96 -5.96 -17.10
CA PRO C 58 45.17 -4.66 -17.73
C PRO C 58 45.87 -4.78 -19.07
N TYR C 59 45.28 -4.20 -20.13
CA TYR C 59 45.88 -4.27 -21.48
C TYR C 59 47.08 -3.38 -21.63
N VAL C 60 48.22 -3.89 -21.19
CA VAL C 60 49.49 -3.15 -21.27
C VAL C 60 49.87 -2.88 -22.72
N LYS C 61 49.49 -1.71 -23.23
CA LYS C 61 49.82 -1.40 -24.61
C LYS C 61 51.24 -0.94 -24.76
N CYS C 62 51.54 -0.40 -25.94
CA CYS C 62 52.90 0.01 -26.24
C CYS C 62 53.02 0.82 -27.54
N CYS C 63 52.99 0.11 -28.68
CA CYS C 63 53.08 0.76 -29.98
C CYS C 63 51.75 0.80 -30.72
N GLY C 64 50.69 0.40 -30.02
CA GLY C 64 49.37 0.39 -30.64
C GLY C 64 48.33 1.28 -29.99
N ALA C 65 47.07 1.04 -30.34
CA ALA C 65 45.93 1.81 -29.79
C ALA C 65 44.68 0.95 -29.66
N SER C 66 44.83 -0.19 -28.99
CA SER C 66 43.70 -1.10 -28.79
C SER C 66 42.52 -0.31 -28.21
N GLU C 67 41.39 -0.33 -28.92
CA GLU C 67 40.20 0.35 -28.44
C GLU C 67 39.22 -0.67 -27.88
N CYS C 68 38.44 -0.23 -26.88
CA CYS C 68 37.46 -1.10 -26.24
C CYS C 68 36.04 -0.85 -26.66
N SER C 69 35.30 -1.96 -26.67
CA SER C 69 33.90 -2.00 -27.09
C SER C 69 32.92 -1.85 -25.93
N THR C 70 31.99 -2.78 -25.83
CA THR C 70 31.01 -2.77 -24.76
C THR C 70 30.68 -4.19 -24.43
N LYS C 71 31.30 -4.71 -23.40
CA LYS C 71 31.04 -6.08 -23.00
C LYS C 71 29.65 -6.13 -22.31
N GLU C 72 29.11 -7.32 -22.10
CA GLU C 72 27.78 -7.46 -21.47
C GLU C 72 27.78 -7.69 -19.98
N LYS C 73 28.95 -7.58 -19.36
CA LYS C 73 29.08 -7.75 -17.93
C LYS C 73 28.26 -6.70 -17.15
N PRO C 74 28.10 -6.90 -15.84
CA PRO C 74 27.34 -5.94 -15.02
C PRO C 74 28.00 -4.56 -15.00
N ASP C 75 27.25 -3.55 -15.47
CA ASP C 75 27.72 -2.16 -15.49
C ASP C 75 29.16 -2.05 -15.95
N TYR C 76 29.39 -2.61 -17.12
CA TYR C 76 30.69 -2.63 -17.69
C TYR C 76 31.26 -1.25 -17.77
N GLN C 77 32.56 -1.19 -17.57
CA GLN C 77 33.27 0.05 -17.65
C GLN C 77 34.57 -0.19 -18.39
N CYS C 78 34.81 0.62 -19.42
CA CYS C 78 36.05 0.56 -20.19
C CYS C 78 36.51 1.93 -20.68
N LYS C 79 37.77 2.22 -20.37
CA LYS C 79 38.43 3.46 -20.74
C LYS C 79 39.86 3.14 -21.09
N VAL C 80 40.32 3.80 -22.13
CA VAL C 80 41.68 3.63 -22.60
C VAL C 80 42.41 4.97 -22.51
N TYR C 81 43.61 4.96 -21.92
CA TYR C 81 44.41 6.19 -21.75
C TYR C 81 45.75 6.22 -22.56
N THR C 82 46.49 7.33 -22.49
CA THR C 82 47.77 7.41 -23.19
C THR C 82 48.89 7.93 -22.26
N GLY C 83 49.24 7.15 -21.25
CA GLY C 83 50.28 7.55 -20.33
C GLY C 83 51.18 6.39 -19.87
N VAL C 84 51.26 6.20 -18.55
CA VAL C 84 52.11 5.19 -17.91
C VAL C 84 53.49 5.41 -18.49
N TYR C 85 54.06 6.56 -18.16
CA TYR C 85 55.37 6.95 -18.68
C TYR C 85 56.55 6.87 -17.71
N PRO C 86 56.46 5.98 -16.70
CA PRO C 86 57.60 5.90 -15.78
C PRO C 86 58.85 5.61 -16.62
N PHE C 87 58.68 4.66 -17.53
CA PHE C 87 59.69 4.18 -18.46
C PHE C 87 59.18 2.81 -18.93
N MET C 88 59.58 1.76 -18.21
CA MET C 88 59.20 0.35 -18.47
C MET C 88 59.43 -0.19 -19.87
N TRP C 89 59.92 0.62 -20.80
CA TRP C 89 60.10 0.11 -22.16
C TRP C 89 61.32 -0.80 -22.38
N GLY C 90 62.15 -0.44 -23.36
CA GLY C 90 63.35 -1.20 -23.69
C GLY C 90 63.78 -1.02 -25.14
N GLY C 91 62.80 -0.69 -26.00
CA GLY C 91 63.07 -0.49 -27.43
C GLY C 91 62.93 -1.71 -28.33
N ALA C 92 63.47 -2.85 -27.88
CA ALA C 92 63.45 -4.14 -28.62
C ALA C 92 62.04 -4.73 -28.79
N TYR C 93 61.08 -4.14 -28.05
CA TYR C 93 59.67 -4.55 -28.07
C TYR C 93 58.80 -3.44 -28.68
N CYS C 94 59.07 -2.20 -28.23
CA CYS C 94 58.32 -1.01 -28.67
C CYS C 94 59.13 0.24 -29.11
N PHE C 95 59.80 0.12 -30.25
CA PHE C 95 60.59 1.21 -30.84
C PHE C 95 59.60 2.10 -31.55
N CYS C 96 58.60 2.58 -30.83
CA CYS C 96 57.58 3.41 -31.47
C CYS C 96 57.95 4.90 -31.50
N ASP C 97 57.25 5.61 -32.36
CA ASP C 97 57.44 7.04 -32.54
C ASP C 97 56.40 7.73 -31.62
N SER C 98 55.25 7.07 -31.47
CA SER C 98 54.16 7.54 -30.62
C SER C 98 54.34 7.07 -29.17
N GLU C 99 53.60 7.75 -28.28
CA GLU C 99 53.61 7.49 -26.84
C GLU C 99 52.82 6.23 -26.49
N ASN C 100 52.85 5.88 -25.20
CA ASN C 100 52.15 4.71 -24.66
C ASN C 100 50.64 4.77 -24.68
N THR C 101 50.03 3.59 -24.51
CA THR C 101 48.58 3.44 -24.45
C THR C 101 48.19 2.35 -23.45
N GLN C 102 47.01 2.46 -22.85
CA GLN C 102 46.57 1.44 -21.89
C GLN C 102 45.03 1.40 -21.72
N LEU C 103 44.51 0.18 -21.85
CA LEU C 103 43.08 -0.04 -21.75
C LEU C 103 42.65 -0.79 -20.52
N SER C 104 42.15 -0.04 -19.54
CA SER C 104 41.69 -0.63 -18.30
C SER C 104 40.17 -0.78 -18.28
N GLU C 105 39.72 -1.84 -17.61
CA GLU C 105 38.30 -2.15 -17.51
C GLU C 105 37.92 -2.95 -16.25
N ALA C 106 36.63 -2.86 -15.89
CA ALA C 106 36.09 -3.57 -14.74
C ALA C 106 34.55 -3.71 -14.85
N TYR C 107 34.01 -4.60 -14.02
CA TYR C 107 32.58 -4.92 -13.97
C TYR C 107 32.28 -5.45 -12.56
N VAL C 108 31.02 -5.85 -12.32
CA VAL C 108 30.60 -6.30 -10.99
C VAL C 108 29.88 -7.65 -10.93
N ASP C 109 29.97 -8.27 -9.77
CA ASP C 109 29.31 -9.54 -9.54
C ASP C 109 29.10 -9.62 -8.06
N ARG C 110 27.98 -10.22 -7.66
CA ARG C 110 27.68 -10.32 -6.24
C ARG C 110 28.70 -11.10 -5.42
N SER C 111 29.06 -10.51 -4.28
CA SER C 111 30.02 -11.13 -3.39
C SER C 111 29.81 -12.63 -3.13
N ASP C 112 30.92 -13.32 -2.88
CA ASP C 112 30.88 -14.75 -2.63
C ASP C 112 30.16 -15.07 -1.31
N VAL C 113 29.62 -14.05 -0.66
CA VAL C 113 28.96 -14.29 0.61
C VAL C 113 27.45 -14.16 0.54
N CYS C 114 26.93 -13.78 -0.62
CA CYS C 114 25.48 -13.63 -0.79
C CYS C 114 24.77 -14.88 -0.33
N ARG C 115 25.23 -16.02 -0.84
CA ARG C 115 24.59 -17.28 -0.49
C ARG C 115 24.09 -17.33 0.95
N HIS C 116 24.97 -17.07 1.91
CA HIS C 116 24.55 -17.15 3.31
C HIS C 116 24.42 -15.79 4.03
N ASP C 117 23.98 -14.76 3.31
CA ASP C 117 23.84 -13.44 3.88
C ASP C 117 23.33 -12.44 2.84
N HIS C 118 22.02 -12.47 2.63
CA HIS C 118 21.39 -11.60 1.66
C HIS C 118 19.99 -11.34 2.14
N ALA C 119 19.43 -10.22 1.69
CA ALA C 119 18.08 -9.86 2.06
C ALA C 119 17.22 -10.17 0.86
N SER C 120 15.91 -10.24 1.09
CA SER C 120 15.01 -10.52 0.00
C SER C 120 13.90 -9.49 -0.06
N ALA C 121 13.51 -9.13 -1.28
CA ALA C 121 12.46 -8.14 -1.49
C ALA C 121 11.28 -8.80 -2.17
N TYR C 122 10.26 -9.13 -1.40
CA TYR C 122 9.08 -9.78 -1.95
C TYR C 122 7.93 -8.80 -2.14
N LYS C 123 6.96 -9.19 -2.93
CA LYS C 123 5.83 -8.35 -3.18
C LYS C 123 4.74 -9.22 -2.61
N ALA C 124 4.23 -8.87 -1.43
CA ALA C 124 3.21 -9.70 -0.75
C ALA C 124 1.80 -9.15 -0.66
N HIS C 125 0.83 -10.05 -0.74
CA HIS C 125 -0.58 -9.69 -0.62
C HIS C 125 -1.26 -10.75 0.19
N THR C 126 -2.11 -10.35 1.11
CA THR C 126 -2.78 -11.34 1.93
C THR C 126 -3.41 -12.51 1.14
N ALA C 127 -2.97 -13.74 1.42
CA ALA C 127 -3.44 -14.94 0.73
C ALA C 127 -4.54 -15.71 1.45
N SER C 128 -4.42 -15.81 2.78
CA SER C 128 -5.44 -16.43 3.61
C SER C 128 -5.16 -16.26 5.07
N LEU C 129 -6.26 -16.22 5.82
CA LEU C 129 -6.23 -16.03 7.24
C LEU C 129 -7.15 -17.05 7.86
N LYS C 130 -6.62 -17.86 8.76
CA LYS C 130 -7.39 -18.88 9.45
C LYS C 130 -7.09 -18.78 10.92
N ALA C 131 -8.01 -19.26 11.74
CA ALA C 131 -7.84 -19.21 13.18
C ALA C 131 -8.25 -20.53 13.82
N LYS C 132 -7.67 -20.81 14.98
CA LYS C 132 -7.97 -22.02 15.73
C LYS C 132 -8.79 -21.65 16.94
N VAL C 133 -10.00 -22.21 17.01
CA VAL C 133 -10.90 -21.95 18.12
C VAL C 133 -11.14 -23.19 18.95
N ARG C 134 -10.87 -23.09 20.24
CA ARG C 134 -11.05 -24.24 21.11
C ARG C 134 -12.37 -24.11 21.82
N VAL C 135 -13.32 -24.96 21.48
CA VAL C 135 -14.62 -24.90 22.12
C VAL C 135 -14.75 -25.97 23.17
N MET C 136 -15.15 -25.56 24.37
CA MET C 136 -15.31 -26.49 25.48
C MET C 136 -16.76 -26.59 25.85
N TYR C 137 -17.45 -27.50 25.18
CA TYR C 137 -18.87 -27.73 25.39
C TYR C 137 -19.06 -28.75 26.48
N GLY C 138 -19.59 -28.29 27.60
CA GLY C 138 -19.82 -29.19 28.72
C GLY C 138 -18.57 -29.98 29.08
N ASN C 139 -18.63 -31.29 28.84
CA ASN C 139 -17.51 -32.16 29.17
C ASN C 139 -16.76 -32.63 27.92
N VAL C 140 -16.76 -31.75 26.92
CA VAL C 140 -16.07 -32.04 25.69
C VAL C 140 -15.26 -30.87 25.18
N ASN C 141 -14.06 -31.17 24.70
CA ASN C 141 -13.15 -30.15 24.20
C ASN C 141 -12.73 -30.46 22.79
N GLN C 142 -13.00 -29.54 21.86
CA GLN C 142 -12.63 -29.76 20.47
C GLN C 142 -12.12 -28.47 19.84
N THR C 143 -11.18 -28.59 18.91
CA THR C 143 -10.63 -27.42 18.25
C THR C 143 -11.08 -27.36 16.80
N VAL C 144 -11.66 -26.24 16.44
CA VAL C 144 -12.15 -26.08 15.09
C VAL C 144 -11.37 -25.03 14.32
N ASP C 145 -11.27 -25.21 13.02
CA ASP C 145 -10.57 -24.23 12.19
C ASP C 145 -11.58 -23.29 11.58
N VAL C 146 -11.27 -21.99 11.57
CA VAL C 146 -12.18 -21.02 10.99
C VAL C 146 -11.45 -20.14 9.99
N TYR C 147 -12.06 -19.85 8.84
CA TYR C 147 -11.40 -19.02 7.84
C TYR C 147 -12.16 -17.74 7.46
N VAL C 148 -11.74 -17.10 6.38
CA VAL C 148 -12.40 -15.90 5.90
C VAL C 148 -12.96 -16.27 4.56
N ASN C 149 -12.24 -17.15 3.89
CA ASN C 149 -12.61 -17.62 2.58
C ASN C 149 -13.59 -18.76 2.72
N GLY C 150 -14.68 -18.49 3.42
CA GLY C 150 -15.69 -19.51 3.63
C GLY C 150 -15.99 -19.83 5.08
N ASP C 151 -17.16 -20.42 5.33
CA ASP C 151 -17.56 -20.78 6.67
C ASP C 151 -17.08 -22.19 6.93
N HIS C 152 -17.61 -22.80 7.99
CA HIS C 152 -17.23 -24.14 8.37
C HIS C 152 -18.21 -24.67 9.36
N ALA C 153 -18.84 -25.77 8.99
CA ALA C 153 -19.84 -26.43 9.83
C ALA C 153 -19.24 -27.65 10.49
N VAL C 154 -19.49 -27.78 11.79
CA VAL C 154 -18.97 -28.93 12.49
C VAL C 154 -19.93 -29.35 13.58
N THR C 155 -19.92 -30.65 13.88
CA THR C 155 -20.80 -31.16 14.92
C THR C 155 -20.01 -31.53 16.15
N ILE C 156 -20.31 -30.90 17.26
CA ILE C 156 -19.59 -31.16 18.49
C ILE C 156 -20.51 -31.29 19.70
N GLY C 157 -20.43 -32.44 20.37
CA GLY C 157 -21.25 -32.66 21.53
C GLY C 157 -22.67 -32.98 21.15
N GLY C 158 -22.87 -33.43 19.92
CA GLY C 158 -24.20 -33.77 19.45
C GLY C 158 -24.95 -32.52 19.07
N THR C 159 -24.22 -31.41 19.04
CA THR C 159 -24.84 -30.15 18.68
C THR C 159 -24.17 -29.66 17.42
N GLN C 160 -24.93 -29.01 16.54
CA GLN C 160 -24.34 -28.53 15.30
C GLN C 160 -23.84 -27.10 15.44
N PHE C 161 -22.60 -26.87 15.01
CA PHE C 161 -21.97 -25.56 15.08
C PHE C 161 -21.56 -25.08 13.69
N ILE C 162 -21.69 -23.78 13.44
CA ILE C 162 -21.28 -23.26 12.16
C ILE C 162 -20.52 -22.00 12.43
N PHE C 163 -19.21 -22.02 12.21
CA PHE C 163 -18.42 -20.82 12.46
C PHE C 163 -18.27 -19.98 11.19
N GLY C 164 -19.24 -19.08 10.98
CA GLY C 164 -19.26 -18.22 9.82
C GLY C 164 -17.90 -17.64 9.54
N PRO C 165 -17.66 -17.08 8.35
CA PRO C 165 -16.40 -16.47 7.92
C PRO C 165 -15.95 -15.35 8.83
N LEU C 166 -14.66 -15.26 9.09
CA LEU C 166 -14.15 -14.21 9.94
C LEU C 166 -14.54 -12.87 9.35
N SER C 167 -14.99 -11.95 10.19
CA SER C 167 -15.41 -10.62 9.72
C SER C 167 -14.47 -10.01 8.70
N SER C 168 -13.18 -9.88 9.03
CA SER C 168 -12.25 -9.30 8.09
C SER C 168 -10.89 -9.95 8.16
N ALA C 169 -9.96 -9.49 7.33
CA ALA C 169 -8.62 -10.05 7.34
C ALA C 169 -7.60 -8.93 7.23
N TRP C 170 -7.25 -8.39 8.40
CA TRP C 170 -6.29 -7.30 8.52
C TRP C 170 -4.88 -7.83 8.45
N THR C 171 -4.03 -7.09 7.76
CA THR C 171 -2.65 -7.49 7.61
C THR C 171 -1.71 -6.35 7.95
N PRO C 172 -0.66 -6.65 8.70
CA PRO C 172 0.35 -5.67 9.10
C PRO C 172 1.44 -5.55 8.05
N PHE C 173 1.34 -6.37 7.01
CA PHE C 173 2.31 -6.38 5.93
C PHE C 173 1.89 -5.48 4.79
N ASP C 174 2.80 -4.63 4.31
CA ASP C 174 2.49 -3.77 3.17
C ASP C 174 2.55 -4.57 1.89
N ASN C 175 2.44 -3.91 0.75
CA ASN C 175 2.46 -4.67 -0.49
C ASN C 175 3.86 -4.89 -0.98
N LYS C 176 4.81 -4.32 -0.26
CA LYS C 176 6.20 -4.50 -0.64
C LYS C 176 6.98 -4.62 0.64
N ILE C 177 7.54 -5.80 0.88
CA ILE C 177 8.33 -6.03 2.08
C ILE C 177 9.71 -6.54 1.75
N VAL C 178 10.55 -6.65 2.78
CA VAL C 178 11.92 -7.15 2.63
C VAL C 178 12.23 -8.05 3.80
N VAL C 179 12.57 -9.30 3.49
CA VAL C 179 12.90 -10.27 4.50
C VAL C 179 14.40 -10.49 4.53
N TYR C 180 15.00 -10.25 5.70
CA TYR C 180 16.43 -10.41 5.85
C TYR C 180 16.76 -11.73 6.49
N LYS C 181 16.85 -11.75 7.80
CA LYS C 181 17.18 -13.04 8.38
C LYS C 181 15.91 -13.60 9.01
N ASP C 182 15.69 -13.17 10.24
CA ASP C 182 14.52 -13.55 11.01
C ASP C 182 13.69 -12.28 11.14
N GLU C 183 14.16 -11.22 10.48
CA GLU C 183 13.49 -9.92 10.49
C GLU C 183 12.67 -9.67 9.21
N VAL C 184 11.65 -8.84 9.34
CA VAL C 184 10.81 -8.48 8.21
C VAL C 184 10.61 -6.99 8.24
N PHE C 185 10.72 -6.34 7.08
CA PHE C 185 10.59 -4.91 7.02
C PHE C 185 9.59 -4.50 5.99
N ASN C 186 8.95 -3.37 6.23
CA ASN C 186 8.02 -2.83 5.27
C ASN C 186 8.77 -1.75 4.47
N GLN C 187 9.51 -2.12 3.43
CA GLN C 187 10.23 -1.09 2.67
C GLN C 187 9.78 -0.92 1.22
N ASP C 188 9.61 0.33 0.73
CA ASP C 188 9.22 0.60 -0.68
C ASP C 188 10.51 0.44 -1.49
N PHE C 189 11.19 -0.69 -1.29
CA PHE C 189 12.46 -1.01 -1.98
C PHE C 189 12.46 -0.68 -3.45
N PRO C 190 13.51 -0.03 -3.95
CA PRO C 190 13.51 0.29 -5.36
C PRO C 190 13.20 -0.92 -6.23
N PRO C 191 12.55 -0.70 -7.39
CA PRO C 191 12.19 -1.77 -8.31
C PRO C 191 13.40 -2.55 -8.75
N TYR C 192 13.19 -3.52 -9.65
CA TYR C 192 14.28 -4.34 -10.09
C TYR C 192 15.42 -3.53 -10.72
N GLY C 193 15.37 -3.29 -12.02
CA GLY C 193 16.44 -2.57 -12.65
C GLY C 193 16.38 -1.10 -12.32
N SER C 194 16.47 -0.75 -11.06
CA SER C 194 16.39 0.65 -10.75
C SER C 194 17.19 1.01 -9.52
N GLY C 195 18.05 0.07 -9.14
CA GLY C 195 18.89 0.27 -7.98
C GLY C 195 19.79 1.47 -8.12
N GLN C 196 20.16 2.04 -6.98
CA GLN C 196 21.05 3.21 -6.93
C GLN C 196 22.29 2.87 -6.11
N PRO C 197 23.44 3.48 -6.46
CA PRO C 197 24.67 3.22 -5.73
C PRO C 197 24.60 3.66 -4.25
N GLY C 198 25.34 2.94 -3.41
CA GLY C 198 25.39 3.23 -1.99
C GLY C 198 24.03 3.21 -1.30
N ARG C 199 23.09 2.47 -1.86
CA ARG C 199 21.77 2.41 -1.27
C ARG C 199 21.25 1.01 -1.43
N PHE C 200 20.29 0.62 -0.62
CA PHE C 200 19.74 -0.72 -0.72
C PHE C 200 19.42 -1.00 -2.17
N GLY C 201 19.77 -2.21 -2.62
CA GLY C 201 19.50 -2.57 -4.00
C GLY C 201 20.65 -2.18 -4.92
N ASP C 202 21.80 -1.92 -4.32
CA ASP C 202 23.01 -1.56 -5.05
C ASP C 202 23.12 -2.47 -6.26
N ILE C 203 23.05 -3.75 -6.01
CA ILE C 203 23.08 -4.71 -7.07
C ILE C 203 21.77 -5.43 -6.88
N GLN C 204 21.30 -6.10 -7.92
CA GLN C 204 20.04 -6.82 -7.87
C GLN C 204 19.99 -8.01 -8.79
N SER C 205 19.40 -9.09 -8.30
CA SER C 205 19.23 -10.30 -9.11
C SER C 205 18.04 -11.05 -8.59
N ARG C 206 17.34 -11.76 -9.47
CA ARG C 206 16.16 -12.48 -9.04
C ARG C 206 16.47 -13.39 -7.91
N THR C 207 17.50 -14.20 -8.06
CA THR C 207 17.86 -15.11 -6.99
C THR C 207 19.36 -15.12 -6.83
N VAL C 208 19.86 -15.78 -5.79
CA VAL C 208 21.28 -15.83 -5.57
C VAL C 208 22.02 -16.53 -6.71
N GLU C 209 21.47 -17.65 -7.19
CA GLU C 209 22.05 -18.44 -8.29
C GLU C 209 21.61 -17.89 -9.66
N SER C 210 20.81 -16.82 -9.62
CA SER C 210 20.31 -16.16 -10.82
C SER C 210 21.40 -15.78 -11.79
N ASN C 211 20.99 -15.36 -12.98
CA ASN C 211 21.95 -14.98 -13.98
C ASN C 211 21.47 -13.72 -14.65
N ASP C 212 20.89 -12.82 -13.88
CA ASP C 212 20.39 -11.55 -14.40
C ASP C 212 20.95 -10.43 -13.53
N LEU C 213 22.15 -10.62 -13.03
CA LEU C 213 22.71 -9.61 -12.16
C LEU C 213 22.68 -8.20 -12.73
N TYR C 214 22.14 -7.30 -11.93
CA TYR C 214 22.09 -5.89 -12.29
C TYR C 214 22.81 -5.12 -11.21
N ALA C 215 23.59 -4.13 -11.61
CA ALA C 215 24.32 -3.34 -10.63
C ALA C 215 24.41 -1.92 -11.10
N ASN C 216 24.73 -1.04 -10.16
CA ASN C 216 24.85 0.39 -10.43
C ASN C 216 25.64 0.95 -9.26
N THR C 217 26.90 0.56 -9.17
CA THR C 217 27.75 0.99 -8.07
C THR C 217 28.53 2.27 -8.37
N ALA C 218 28.31 2.85 -9.55
CA ALA C 218 29.00 4.07 -9.89
C ALA C 218 30.49 3.76 -10.00
N LEU C 219 30.78 2.70 -10.75
CA LEU C 219 32.14 2.28 -10.96
C LEU C 219 32.74 3.28 -11.94
N LYS C 220 33.82 3.96 -11.54
CA LYS C 220 34.48 4.93 -12.43
C LYS C 220 35.97 4.60 -12.61
N LEU C 221 36.38 4.43 -13.87
CA LEU C 221 37.77 4.11 -14.21
C LEU C 221 38.67 5.35 -14.15
N ALA C 222 39.73 5.22 -13.35
CA ALA C 222 40.69 6.28 -13.17
C ALA C 222 41.94 5.99 -14.00
N ARG C 223 42.68 7.05 -14.36
CA ARG C 223 43.90 6.97 -15.17
C ARG C 223 45.05 6.42 -14.33
N PRO C 224 45.80 5.47 -14.91
CA PRO C 224 46.93 4.86 -14.18
C PRO C 224 47.98 5.86 -13.63
N SER C 225 48.56 5.47 -12.51
CA SER C 225 49.56 6.28 -11.84
C SER C 225 50.95 5.73 -12.15
N PRO C 226 51.84 6.56 -12.74
CA PRO C 226 53.21 6.11 -13.08
C PRO C 226 53.85 5.21 -12.01
N GLY C 227 54.54 4.15 -12.47
CA GLY C 227 55.19 3.22 -11.56
C GLY C 227 54.98 1.74 -11.86
N MET C 228 53.99 1.14 -11.19
CA MET C 228 53.64 -0.27 -11.39
C MET C 228 52.24 -0.28 -12.01
N VAL C 229 52.10 -0.69 -13.27
CA VAL C 229 50.75 -0.72 -13.87
C VAL C 229 49.73 -1.53 -13.06
N HIS C 230 48.58 -0.91 -12.87
CA HIS C 230 47.44 -1.46 -12.11
C HIS C 230 46.16 -0.77 -12.61
N VAL C 231 45.02 -1.09 -12.00
CA VAL C 231 43.79 -0.44 -12.46
C VAL C 231 43.10 0.35 -11.39
N PRO C 232 43.25 1.68 -11.43
CA PRO C 232 42.65 2.60 -10.47
C PRO C 232 41.21 2.87 -10.88
N TYR C 233 40.37 3.08 -9.87
CA TYR C 233 38.96 3.36 -10.06
C TYR C 233 38.28 3.82 -8.79
N THR C 234 37.15 4.50 -8.97
CA THR C 234 36.33 4.97 -7.83
C THR C 234 35.01 4.24 -7.83
N GLN C 235 34.51 3.97 -6.63
CA GLN C 235 33.24 3.30 -6.50
C GLN C 235 32.37 3.88 -5.39
N THR C 236 31.55 3.05 -4.79
CA THR C 236 30.68 3.52 -3.73
C THR C 236 30.46 2.32 -2.85
N PRO C 237 31.00 2.35 -1.62
CA PRO C 237 30.85 1.23 -0.68
C PRO C 237 29.49 0.55 -0.71
N SER C 238 29.50 -0.78 -0.69
CA SER C 238 28.29 -1.60 -0.72
C SER C 238 27.07 -1.00 -0.06
N GLY C 239 26.10 -0.62 -0.88
CA GLY C 239 24.89 -0.04 -0.33
C GLY C 239 24.32 -0.99 0.68
N PHE C 240 24.43 -2.29 0.40
CA PHE C 240 23.91 -3.29 1.31
C PHE C 240 24.44 -3.09 2.71
N LYS C 241 25.74 -2.85 2.81
CA LYS C 241 26.32 -2.62 4.11
C LYS C 241 25.65 -1.38 4.70
N TYR C 242 25.54 -0.33 3.90
CA TYR C 242 24.91 0.88 4.38
C TYR C 242 23.52 0.60 4.92
N TRP C 243 22.73 -0.17 4.18
CA TRP C 243 21.37 -0.49 4.59
C TRP C 243 21.35 -1.13 5.96
N LEU C 244 22.28 -2.06 6.18
CA LEU C 244 22.36 -2.71 7.47
C LEU C 244 22.35 -1.71 8.62
N LYS C 245 23.11 -0.64 8.50
CA LYS C 245 23.15 0.36 9.57
C LYS C 245 21.89 1.25 9.57
N GLU C 246 21.39 1.54 8.39
CA GLU C 246 20.21 2.39 8.24
C GLU C 246 18.91 1.78 8.71
N LYS C 247 18.38 0.82 7.93
CA LYS C 247 17.14 0.10 8.21
C LYS C 247 16.79 0.08 9.69
N GLY C 248 15.74 0.80 10.06
CA GLY C 248 15.40 0.85 11.47
C GLY C 248 15.10 -0.50 12.09
N THR C 249 14.14 -0.44 13.01
CA THR C 249 13.68 -1.61 13.72
C THR C 249 12.79 -2.38 12.76
N ALA C 250 12.67 -3.67 12.99
CA ALA C 250 11.84 -4.50 12.12
C ALA C 250 10.37 -4.44 12.51
N LEU C 251 9.53 -4.98 11.64
CA LEU C 251 8.11 -5.01 11.88
C LEU C 251 7.90 -5.92 13.09
N ASN C 252 8.76 -6.91 13.22
CA ASN C 252 8.67 -7.87 14.31
C ASN C 252 8.29 -7.30 15.66
N THR C 253 8.57 -6.02 15.87
CA THR C 253 8.22 -5.40 17.13
C THR C 253 7.47 -4.08 16.97
N LYS C 254 6.98 -3.82 15.78
CA LYS C 254 6.24 -2.60 15.58
C LYS C 254 4.87 -2.95 15.06
N ALA C 255 4.58 -4.24 15.00
CA ALA C 255 3.30 -4.69 14.50
C ALA C 255 2.16 -4.23 15.39
N PRO C 256 1.18 -3.54 14.81
CA PRO C 256 0.02 -3.04 15.53
C PRO C 256 -0.90 -4.16 15.96
N PHE C 257 -1.94 -3.78 16.69
CA PHE C 257 -2.95 -4.71 17.16
C PHE C 257 -2.42 -6.00 17.78
N GLY C 258 -1.29 -5.89 18.48
CA GLY C 258 -0.70 -7.06 19.14
C GLY C 258 -0.28 -8.18 18.21
N CYS C 259 -0.30 -7.87 16.93
CA CYS C 259 0.06 -8.83 15.92
C CYS C 259 1.53 -9.29 16.15
N GLN C 260 1.82 -10.57 15.96
CA GLN C 260 3.17 -11.12 16.16
C GLN C 260 3.74 -11.62 14.84
N ILE C 261 4.93 -11.17 14.47
CA ILE C 261 5.49 -11.61 13.18
C ILE C 261 6.35 -12.85 13.26
N LYS C 262 6.31 -13.69 12.23
CA LYS C 262 7.15 -14.87 12.25
C LYS C 262 7.86 -14.96 10.91
N THR C 263 8.98 -15.67 10.85
CA THR C 263 9.75 -15.67 9.62
C THR C 263 9.86 -16.83 8.68
N ASN C 264 9.83 -18.07 9.16
CA ASN C 264 10.02 -19.13 8.21
C ASN C 264 9.02 -19.08 7.09
N PRO C 265 7.74 -19.36 7.39
CA PRO C 265 6.82 -19.29 6.28
C PRO C 265 6.39 -17.85 6.05
N VAL C 266 6.70 -16.97 7.00
CA VAL C 266 6.35 -15.54 6.91
C VAL C 266 4.90 -15.25 7.08
N ARG C 267 4.51 -14.92 8.29
CA ARG C 267 3.11 -14.66 8.55
C ARG C 267 2.93 -13.81 9.78
N ALA C 268 1.69 -13.40 10.02
CA ALA C 268 1.38 -12.60 11.17
C ALA C 268 0.49 -13.44 12.07
N MET C 269 0.82 -13.52 13.35
CA MET C 269 0.05 -14.32 14.26
C MET C 269 -0.79 -13.54 15.28
N ASN C 270 -1.85 -14.18 15.77
CA ASN C 270 -2.74 -13.62 16.78
C ASN C 270 -3.18 -12.19 16.61
N CYS C 271 -3.12 -11.74 15.36
CA CYS C 271 -3.54 -10.40 15.01
C CYS C 271 -4.96 -10.21 15.55
N ALA C 272 -5.15 -9.20 16.40
CA ALA C 272 -6.44 -8.98 17.02
C ALA C 272 -7.39 -8.00 16.38
N VAL C 273 -8.03 -8.41 15.30
CA VAL C 273 -8.96 -7.52 14.62
C VAL C 273 -10.15 -8.30 14.09
N GLY C 274 -11.35 -7.91 14.50
CA GLY C 274 -12.51 -8.59 13.97
C GLY C 274 -13.32 -9.43 14.92
N ASN C 275 -14.21 -10.23 14.36
CA ASN C 275 -15.05 -11.10 15.14
C ASN C 275 -15.32 -12.39 14.40
N ILE C 276 -15.75 -13.40 15.13
CA ILE C 276 -16.04 -14.69 14.54
C ILE C 276 -17.44 -15.08 14.94
N PRO C 277 -18.37 -15.10 13.99
CA PRO C 277 -19.77 -15.44 14.21
C PRO C 277 -20.02 -16.95 14.25
N VAL C 278 -20.90 -17.39 15.14
CA VAL C 278 -21.21 -18.81 15.26
C VAL C 278 -22.72 -19.03 15.37
N SER C 279 -23.16 -20.27 15.30
CA SER C 279 -24.57 -20.55 15.41
C SER C 279 -24.76 -22.02 15.77
N MET C 280 -25.81 -22.33 16.54
CA MET C 280 -26.07 -23.70 16.97
C MET C 280 -27.56 -24.05 16.94
N ASN C 281 -27.90 -25.26 17.43
CA ASN C 281 -29.29 -25.77 17.49
C ASN C 281 -29.84 -25.58 18.90
N LEU C 282 -30.12 -24.34 19.25
CA LEU C 282 -30.59 -24.04 20.58
C LEU C 282 -31.31 -22.70 20.60
N PRO C 283 -32.44 -22.62 21.32
CA PRO C 283 -33.19 -21.35 21.39
C PRO C 283 -32.41 -20.26 22.18
N ASP C 284 -32.62 -18.99 21.82
CA ASP C 284 -31.96 -17.87 22.51
C ASP C 284 -32.43 -17.84 23.94
N SER C 285 -33.35 -18.76 24.25
CA SER C 285 -33.94 -18.94 25.58
C SER C 285 -33.01 -19.73 26.50
N ALA C 286 -32.51 -20.86 26.01
CA ALA C 286 -31.61 -21.65 26.82
C ALA C 286 -30.27 -20.91 26.99
N PHE C 287 -29.96 -19.99 26.08
CA PHE C 287 -28.69 -19.26 26.12
C PHE C 287 -28.64 -18.09 27.13
N THR C 288 -27.50 -17.91 27.77
CA THR C 288 -27.36 -16.83 28.75
C THR C 288 -25.89 -16.57 28.88
N ARG C 289 -25.42 -15.42 28.41
CA ARG C 289 -24.00 -15.18 28.51
C ARG C 289 -23.47 -14.81 29.88
N ILE C 290 -22.24 -15.25 30.11
CA ILE C 290 -21.51 -15.05 31.35
C ILE C 290 -20.30 -14.14 31.10
N VAL C 291 -20.15 -13.10 31.92
CA VAL C 291 -19.04 -12.18 31.75
C VAL C 291 -18.37 -11.92 33.08
N GLU C 292 -17.37 -12.72 33.41
CA GLU C 292 -16.66 -12.56 34.67
C GLU C 292 -15.24 -12.06 34.47
N ALA C 293 -15.07 -10.75 34.60
CA ALA C 293 -13.78 -10.13 34.40
C ALA C 293 -13.15 -9.73 35.70
N PRO C 294 -11.84 -9.81 35.75
CA PRO C 294 -11.09 -9.45 36.95
C PRO C 294 -11.31 -7.99 37.34
N THR C 295 -11.88 -7.76 38.52
CA THR C 295 -12.11 -6.39 38.95
C THR C 295 -10.82 -5.74 39.47
N ILE C 296 -10.40 -4.65 38.85
CA ILE C 296 -9.18 -3.99 39.29
C ILE C 296 -9.41 -2.54 39.73
N ILE C 297 -8.62 -2.10 40.70
CA ILE C 297 -8.69 -0.74 41.22
C ILE C 297 -7.33 -0.17 41.59
N ASP C 298 -7.31 1.14 41.85
CA ASP C 298 -6.10 1.87 42.19
C ASP C 298 -5.17 1.83 40.99
N LEU C 299 -5.71 2.22 39.83
CA LEU C 299 -4.90 2.20 38.64
C LEU C 299 -3.90 3.35 38.64
N THR C 300 -2.73 3.10 38.08
CA THR C 300 -1.70 4.13 38.02
C THR C 300 -0.76 4.00 36.83
N CYS C 301 -0.71 5.06 36.02
CA CYS C 301 0.12 5.09 34.84
C CYS C 301 1.47 5.75 35.08
N THR C 302 2.50 5.23 34.45
CA THR C 302 3.85 5.77 34.63
C THR C 302 4.67 5.56 33.37
N VAL C 303 4.93 6.62 32.64
CA VAL C 303 5.70 6.48 31.41
C VAL C 303 7.20 6.57 31.63
N ALA C 304 7.92 5.47 31.35
CA ALA C 304 9.38 5.46 31.53
C ALA C 304 10.04 6.29 30.44
N THR C 305 10.25 5.64 29.30
CA THR C 305 10.85 6.30 28.16
C THR C 305 9.82 6.44 27.09
N CYS C 306 10.04 7.44 26.24
CA CYS C 306 9.16 7.74 25.12
C CYS C 306 9.83 8.51 23.99
N THR C 307 9.63 8.01 22.78
CA THR C 307 10.18 8.66 21.59
C THR C 307 9.05 9.19 20.73
N HIS C 308 9.26 10.41 20.26
CA HIS C 308 8.35 11.19 19.44
C HIS C 308 7.55 10.43 18.37
N SER C 309 7.73 10.84 17.12
CA SER C 309 7.01 10.23 16.00
C SER C 309 7.68 8.95 15.46
N SER C 310 7.47 7.85 16.18
CA SER C 310 8.04 6.55 15.79
C SER C 310 7.16 5.42 16.30
N ASP C 311 6.84 4.49 15.40
CA ASP C 311 5.98 3.34 15.73
C ASP C 311 6.24 2.77 17.12
N PHE C 312 5.31 3.10 18.01
CA PHE C 312 5.33 2.68 19.41
C PHE C 312 6.65 2.93 20.11
N GLY C 313 7.00 4.20 20.23
CA GLY C 313 8.25 4.59 20.85
C GLY C 313 8.13 4.83 22.34
N GLY C 314 6.93 4.70 22.87
CA GLY C 314 6.73 4.92 24.28
C GLY C 314 6.47 3.63 25.04
N VAL C 315 6.70 3.69 26.34
CA VAL C 315 6.51 2.55 27.21
C VAL C 315 5.80 2.92 28.51
N LEU C 316 4.56 2.47 28.64
CA LEU C 316 3.74 2.75 29.82
C LEU C 316 3.82 1.59 30.78
N THR C 317 3.61 1.88 32.06
CA THR C 317 3.65 0.83 33.06
C THR C 317 2.53 1.08 34.03
N LEU C 318 1.64 0.11 34.15
CA LEU C 318 0.52 0.30 35.03
C LEU C 318 0.64 -0.46 36.33
N THR C 319 0.44 0.23 37.44
CA THR C 319 0.47 -0.42 38.74
C THR C 319 -0.98 -0.55 39.16
N TYR C 320 -1.30 -1.56 39.94
CA TYR C 320 -2.68 -1.75 40.32
C TYR C 320 -2.91 -2.83 41.39
N LYS C 321 -4.19 -3.11 41.62
CA LYS C 321 -4.60 -4.13 42.56
C LYS C 321 -5.75 -4.91 41.95
N THR C 322 -5.61 -6.23 41.94
CA THR C 322 -6.65 -7.08 41.39
C THR C 322 -7.26 -7.93 42.48
N ASN C 323 -8.42 -8.51 42.17
CA ASN C 323 -9.11 -9.39 43.10
C ASN C 323 -8.89 -10.86 42.67
N LYS C 324 -8.61 -11.08 41.39
CA LYS C 324 -8.39 -12.42 40.87
C LYS C 324 -7.45 -12.37 39.65
N ASN C 325 -6.38 -13.18 39.64
CA ASN C 325 -5.46 -13.16 38.49
C ASN C 325 -6.27 -13.56 37.25
N GLY C 326 -6.13 -12.77 36.18
CA GLY C 326 -6.87 -13.06 34.96
C GLY C 326 -6.25 -12.52 33.68
N ASP C 327 -7.10 -12.02 32.77
CA ASP C 327 -6.67 -11.47 31.48
C ASP C 327 -7.57 -10.31 31.07
N CYS C 328 -7.05 -9.08 31.16
CA CYS C 328 -7.83 -7.89 30.82
C CYS C 328 -7.54 -7.29 29.45
N SER C 329 -8.40 -6.35 29.08
CA SER C 329 -8.26 -5.69 27.80
C SER C 329 -7.75 -4.28 28.02
N VAL C 330 -6.85 -3.84 27.14
CA VAL C 330 -6.27 -2.52 27.27
C VAL C 330 -6.68 -1.62 26.13
N HIS C 331 -7.00 -0.38 26.46
CA HIS C 331 -7.46 0.59 25.49
C HIS C 331 -7.00 1.99 25.78
N SER C 332 -7.11 2.85 24.78
CA SER C 332 -6.74 4.24 24.91
C SER C 332 -7.93 5.10 24.50
N HIS C 333 -8.38 5.97 25.40
CA HIS C 333 -9.52 6.80 25.11
C HIS C 333 -9.16 8.18 24.60
N SER C 334 -7.95 8.31 24.08
CA SER C 334 -7.47 9.59 23.57
C SER C 334 -6.79 9.39 22.23
N ASN C 335 -7.38 9.91 21.17
CA ASN C 335 -6.80 9.76 19.84
C ASN C 335 -5.35 10.19 19.73
N VAL C 336 -4.85 10.88 20.75
CA VAL C 336 -3.49 11.35 20.71
C VAL C 336 -2.47 10.28 21.04
N ALA C 337 -2.97 9.11 21.40
CA ALA C 337 -2.08 7.99 21.74
C ALA C 337 -2.72 6.65 21.39
N THR C 338 -1.89 5.74 20.90
CA THR C 338 -2.36 4.43 20.51
C THR C 338 -1.56 3.33 21.18
N LEU C 339 -2.26 2.27 21.59
CA LEU C 339 -1.66 1.13 22.27
C LEU C 339 -1.32 0.01 21.30
N GLN C 340 -0.13 -0.57 21.44
CA GLN C 340 0.26 -1.67 20.58
C GLN C 340 -0.55 -2.91 20.88
N GLU C 341 -0.33 -3.51 22.04
CA GLU C 341 -1.07 -4.69 22.42
C GLU C 341 -2.53 -4.38 22.67
N ALA C 342 -3.39 -5.38 22.61
CA ALA C 342 -4.80 -5.12 22.82
C ALA C 342 -5.30 -5.88 24.02
N THR C 343 -4.36 -6.42 24.77
CA THR C 343 -4.72 -7.19 25.94
C THR C 343 -3.49 -7.39 26.80
N ALA C 344 -3.71 -7.71 28.08
CA ALA C 344 -2.62 -7.94 29.01
C ALA C 344 -3.07 -8.81 30.16
N LYS C 345 -2.20 -9.73 30.58
CA LYS C 345 -2.56 -10.59 31.68
C LYS C 345 -2.44 -9.87 33.01
N VAL C 346 -3.45 -10.02 33.85
CA VAL C 346 -3.44 -9.36 35.14
C VAL C 346 -3.10 -10.30 36.28
N LYS C 347 -1.87 -10.14 36.77
CA LYS C 347 -1.34 -10.93 37.87
C LYS C 347 -1.51 -10.13 39.17
N THR C 348 -1.57 -10.84 40.29
CA THR C 348 -1.75 -10.22 41.61
C THR C 348 -0.51 -9.43 42.03
N ALA C 349 0.56 -9.60 41.26
CA ALA C 349 1.80 -8.89 41.50
C ALA C 349 1.52 -7.37 41.39
N GLY C 350 0.79 -6.99 40.34
CA GLY C 350 0.43 -5.58 40.12
C GLY C 350 1.24 -4.79 39.09
N LYS C 351 1.93 -5.50 38.20
CA LYS C 351 2.78 -4.89 37.16
C LYS C 351 2.41 -5.23 35.74
N VAL C 352 2.08 -4.22 34.93
CA VAL C 352 1.71 -4.40 33.52
C VAL C 352 2.43 -3.40 32.66
N THR C 353 3.14 -3.91 31.65
CA THR C 353 3.88 -3.05 30.74
C THR C 353 3.24 -3.01 29.36
N LEU C 354 3.06 -1.81 28.82
CA LEU C 354 2.45 -1.64 27.50
C LEU C 354 3.25 -0.67 26.67
N HIS C 355 3.21 -0.86 25.36
CA HIS C 355 3.89 0.02 24.44
C HIS C 355 2.86 0.92 23.81
N PHE C 356 3.09 2.22 23.81
CA PHE C 356 2.14 3.12 23.19
C PHE C 356 2.82 3.93 22.11
N SER C 357 2.02 4.65 21.31
CA SER C 357 2.60 5.45 20.25
C SER C 357 1.86 6.77 20.05
N THR C 358 2.62 7.82 19.82
CA THR C 358 2.00 9.10 19.61
C THR C 358 2.95 9.96 18.86
N ALA C 359 2.43 11.01 18.25
CA ALA C 359 3.29 11.86 17.47
C ALA C 359 3.37 13.23 18.11
N SER C 360 2.93 13.32 19.34
CA SER C 360 2.93 14.59 20.04
C SER C 360 3.82 14.61 21.25
N ALA C 361 4.94 15.33 21.16
CA ALA C 361 5.83 15.43 22.30
C ALA C 361 5.00 16.01 23.45
N SER C 362 5.05 15.40 24.63
CA SER C 362 4.26 15.92 25.77
C SER C 362 2.74 15.73 25.60
N PRO C 363 2.30 14.47 25.44
CA PRO C 363 0.92 14.04 25.26
C PRO C 363 0.27 13.67 26.57
N SER C 364 -1.06 13.74 26.62
CA SER C 364 -1.75 13.39 27.85
C SER C 364 -2.97 12.50 27.57
N PHE C 365 -2.75 11.20 27.56
CA PHE C 365 -3.80 10.25 27.27
C PHE C 365 -4.27 9.47 28.47
N VAL C 366 -5.35 8.73 28.28
CA VAL C 366 -5.92 7.91 29.33
C VAL C 366 -6.03 6.46 28.92
N VAL C 367 -5.19 5.63 29.52
CA VAL C 367 -5.17 4.20 29.24
C VAL C 367 -6.23 3.52 30.07
N SER C 368 -6.59 2.29 29.70
CA SER C 368 -7.58 1.56 30.46
C SER C 368 -7.22 0.09 30.65
N LEU C 369 -7.58 -0.43 31.80
CA LEU C 369 -7.32 -1.81 32.12
C LEU C 369 -8.64 -2.41 32.57
N CYS C 370 -9.31 -3.06 31.63
CA CYS C 370 -10.62 -3.63 31.89
C CYS C 370 -11.55 -2.47 32.09
N SER C 371 -12.12 -2.35 33.27
CA SER C 371 -13.06 -1.27 33.54
C SER C 371 -12.45 -0.09 34.27
N ALA C 372 -11.16 -0.15 34.55
CA ALA C 372 -10.50 0.91 35.28
C ALA C 372 -9.75 1.88 34.38
N ARG C 373 -9.77 3.16 34.71
CA ARG C 373 -9.05 4.12 33.88
C ARG C 373 -7.95 4.84 34.66
N ALA C 374 -7.02 5.43 33.93
CA ALA C 374 -5.93 6.15 34.56
C ALA C 374 -5.28 7.06 33.53
N THR C 375 -4.79 8.21 34.00
CA THR C 375 -4.16 9.18 33.10
C THR C 375 -2.66 8.96 32.97
N CYS C 376 -2.12 9.30 31.81
CA CYS C 376 -0.70 9.17 31.56
C CYS C 376 -0.19 10.49 31.04
N SER C 377 0.87 10.98 31.65
CA SER C 377 1.45 12.23 31.22
C SER C 377 2.93 11.99 31.04
N ALA C 378 3.46 12.37 29.87
CA ALA C 378 4.89 12.16 29.62
C ALA C 378 5.44 13.16 28.61
N SER C 379 6.75 13.28 28.57
CA SER C 379 7.40 14.17 27.61
C SER C 379 8.35 13.32 26.76
N CYS C 380 8.13 13.31 25.45
CA CYS C 380 8.94 12.50 24.52
C CYS C 380 10.01 13.25 23.74
N GLU C 381 11.06 12.54 23.36
CA GLU C 381 12.15 13.13 22.58
C GLU C 381 11.95 12.79 21.10
N PRO C 382 12.30 13.70 20.18
CA PRO C 382 12.16 13.48 18.74
C PRO C 382 12.97 12.26 18.31
N PRO C 383 12.63 11.68 17.14
CA PRO C 383 13.28 10.51 16.58
C PRO C 383 14.76 10.67 16.32
N LYS C 384 15.47 9.56 16.42
CA LYS C 384 16.91 9.55 16.19
C LYS C 384 17.29 10.16 14.83
N ASP C 385 18.53 10.65 14.73
CA ASP C 385 19.02 11.21 13.48
C ASP C 385 19.26 10.05 12.52
N HIS C 386 19.09 10.31 11.23
CA HIS C 386 19.31 9.30 10.23
C HIS C 386 20.82 9.06 10.08
N ILE C 387 21.20 8.14 9.19
CA ILE C 387 22.61 7.87 8.98
C ILE C 387 22.97 8.35 7.59
N VAL C 388 23.33 9.63 7.49
CA VAL C 388 23.72 10.22 6.21
C VAL C 388 24.63 9.29 5.45
N PRO C 389 24.32 9.07 4.18
CA PRO C 389 25.09 8.20 3.28
C PRO C 389 26.32 8.91 2.70
N TYR C 390 26.97 8.28 1.73
CA TYR C 390 28.15 8.86 1.13
C TYR C 390 27.87 10.28 0.64
N ALA C 391 28.29 11.27 1.44
CA ALA C 391 28.14 12.71 1.12
C ALA C 391 29.16 13.21 0.05
#